data_8BWQ
#
_entry.id   8BWQ
#
_cell.length_a   1.00
_cell.length_b   1.00
_cell.length_c   1.00
_cell.angle_alpha   90.00
_cell.angle_beta   90.00
_cell.angle_gamma   90.00
#
_symmetry.space_group_name_H-M   'P 1'
#
loop_
_entity.id
_entity.type
_entity.pdbx_description
1 polymer 'ATP-binding cassette sub-family C member 4'
2 non-polymer "(S)-10-[(DIMETHYLAMINO)METHYL]-4-ETHYL-4,9-DIHYDROXY-1H-PYRANO[3',4':6,7]INOLIZINO[1,2-B]-QUINOLINE-3,14(4H,12H)-DIONE"
#
_entity_poly.entity_id   1
_entity_poly.type   'polypeptide(L)'
_entity_poly.pdbx_seq_one_letter_code
;MLPVYQEVKPNPLQDANLCSRVFFWWLNPLFKIGHKRRLEEDDMYSVLPEDRSQHLGEELQGFWDKEVLRAENDAQKPSL
TRAIIKCYWKSYLVLGIFTLIEESAKVIQPIFLGKIINYFENYDPMDSVALNTAYAYATVLTFCTLILAILHHLYFYHVQ
CAGMRLRVAMCHMIYRKALRLSNMAMGKTTTGQIVNLLSNDVNKFDQVTVFLHFLWAGPLQAIAVTALLWMEIGISCLAG
MAVLIILLPLQSCFGKLFSSLRSKTATFTDARIRTMNEVITGIRIIKMYAWEKSFSNLITNLRKKEISKILRSSCLRGMN
LASFFSASKIIVFVTFTTYVLLGSVITASRVFVAVTLYGAVRLTVTLFFPSAIERVSEAIVSIRRIQTFLLLDEISQRNR
QLPSDGKKMVHVQDFTAFWDKASETPTLQGLSFTVRPGELLAVVGPVGAGKSSLLSAVLGELAPSHGLVSVHGRIAYVSQ
QPWVFSGTLRSNILFGKKYEKERYEKVIKACALKKDLQLLEDGDLTVIGDRGTTLSGGQKARVNLARAVYQDADIYLLDD
PLSAVDAEVSRHLFELCICQILHEKITILVTHQLQYLKAASQILILKDGKMVQKGTYTEFLKSGIDFGSLLKKDNEESEQ
PPVPGTPTLRNRTFSESSVWSQQSSRPSLKDGALESQDTENVPVTLSEENRSEGKVGFQAYKNYFRAGAHWIVFIFLILL
NTAAQVAYVLQDWWLSYWANKQSMLNVTVNGGGNVTEKLDLNWYLGIYSGLTVATVLFGIARSLLVFYVLVNSSQTLHNK
MFESILKAPVLFFDRNPIGRILNRFSKDIGHLDDLLPLTFLDFIQTLLQVVGVVSVAVAVIPWIAIPLVPLGIIFIFLRR
YFLETSRDVKRLESTTRSPVFSHLSSSLQGLWTIRAYKAEERCQELFDAHQDLHSEAWFLFLTTSRWFAVRLDAICAMFV
IIVAFGSLILAKTLDAGQVGLALSYALTLMGMFQWCVRQSAEVENMMISVERVIEYTDLEKEAPWEYQKRPPPAWPHEGV
IIFDNVNFMYSPGGPLVLKHLTALIKSQEKVGIVGRTGAGKSSLISALFRLSEPEGKIWIDKILTTEIGLHDLRKKMSII
PQEPVLFTGTMRKNLDPFNEHTDEELWNALQEVQLKETIEDLPGKMDTELAESGSNFSVGQRQLVCLARAILRKNQILII
DEATANVDPRTDELIQKKIREKFAHCTVLTIAHRLNTIIDSDKIMVLDSGRLKEYDEPYVLLQNKESLFYKMVQQLGKAE
AAALTETAKQVYFKRNYPHIGHTDHMVTNTSNGQPSTLTIFETAL
;
_entity_poly.pdbx_strand_id   A
#
loop_
_chem_comp.id
_chem_comp.type
_chem_comp.name
_chem_comp.formula
TTC non-polymer (S)-10-[(DIMETHYLAMINO)METHYL]-4-ETHYL-4,9-DIHYDROXY-1H-PYRANO[3',4':6,7]INOLIZINO[1,2-B]-QUINOLINE-3,14(4H,12H)-DIONE 'C23 H23 N3 O5'
#
# COMPACT_ATOMS: atom_id res chain seq x y z
N GLU A 7 -4.41 17.81 30.91
CA GLU A 7 -4.45 17.19 29.60
C GLU A 7 -4.26 18.24 28.52
N VAL A 8 -3.29 18.01 27.63
CA VAL A 8 -2.87 19.04 26.68
C VAL A 8 -4.02 19.47 25.79
N LYS A 9 -4.90 18.54 25.44
CA LYS A 9 -6.02 18.81 24.53
C LYS A 9 -7.32 18.36 25.17
N PRO A 10 -7.87 19.18 26.07
CA PRO A 10 -9.02 18.75 26.88
C PRO A 10 -10.13 18.16 26.03
N ASN A 11 -10.66 17.03 26.47
CA ASN A 11 -11.57 16.24 25.67
C ASN A 11 -12.99 16.42 26.17
N PRO A 12 -13.91 16.90 25.34
CA PRO A 12 -15.29 17.17 25.79
C PRO A 12 -16.04 15.96 26.30
N LEU A 13 -15.70 14.74 25.87
CA LEU A 13 -16.40 13.57 26.38
C LEU A 13 -16.29 13.39 27.89
N GLN A 14 -15.31 14.03 28.52
CA GLN A 14 -15.19 13.93 29.97
C GLN A 14 -16.42 14.47 30.70
N ASP A 15 -17.15 15.38 30.09
CA ASP A 15 -18.16 16.13 30.82
C ASP A 15 -19.43 16.42 30.03
N ALA A 16 -19.52 16.00 28.78
CA ALA A 16 -20.78 16.14 28.05
C ALA A 16 -21.89 15.39 28.75
N ASN A 17 -23.04 16.04 28.86
CA ASN A 17 -24.22 15.43 29.40
C ASN A 17 -24.69 14.29 28.50
N LEU A 18 -25.57 13.46 29.04
CA LEU A 18 -26.10 12.33 28.29
C LEU A 18 -26.71 12.77 26.96
N CYS A 19 -27.60 13.75 27.01
CA CYS A 19 -28.21 14.27 25.80
C CYS A 19 -27.28 15.15 25.00
N SER A 20 -26.01 15.23 25.38
CA SER A 20 -24.98 15.65 24.43
C SER A 20 -24.32 14.46 23.77
N ARG A 21 -23.79 13.55 24.57
CA ARG A 21 -23.01 12.46 24.02
C ARG A 21 -23.88 11.42 23.33
N VAL A 22 -25.16 11.30 23.70
CA VAL A 22 -26.06 10.50 22.87
C VAL A 22 -26.10 11.00 21.45
N PHE A 23 -26.20 12.31 21.26
CA PHE A 23 -26.19 12.89 19.94
C PHE A 23 -24.81 13.25 19.47
N PHE A 24 -23.77 12.85 20.19
CA PHE A 24 -22.45 13.40 19.96
C PHE A 24 -22.47 14.91 19.83
N TRP A 25 -23.41 15.58 20.49
CA TRP A 25 -23.55 17.01 20.27
C TRP A 25 -22.25 17.73 20.56
N TRP A 26 -21.49 17.22 21.52
CA TRP A 26 -20.21 17.79 21.90
C TRP A 26 -19.22 17.86 20.76
N LEU A 27 -19.39 17.09 19.71
CA LEU A 27 -18.42 17.15 18.64
C LEU A 27 -18.59 18.39 17.77
N ASN A 28 -19.72 19.08 17.88
CA ASN A 28 -20.02 20.25 17.06
C ASN A 28 -18.87 21.22 16.84
N PRO A 29 -18.12 21.65 17.85
CA PRO A 29 -17.00 22.55 17.58
C PRO A 29 -16.01 22.06 16.55
N LEU A 30 -15.76 20.76 16.45
CA LEU A 30 -14.84 20.27 15.44
C LEU A 30 -15.32 20.58 14.03
N PHE A 31 -16.61 20.36 13.75
CA PHE A 31 -17.11 20.66 12.42
C PHE A 31 -17.10 22.14 12.11
N LYS A 32 -17.44 22.99 13.07
CA LYS A 32 -17.33 24.42 12.85
C LYS A 32 -15.94 24.79 12.37
N ILE A 33 -14.91 24.35 13.09
CA ILE A 33 -13.56 24.72 12.71
C ILE A 33 -13.12 24.01 11.44
N GLY A 34 -13.50 22.74 11.28
CA GLY A 34 -13.20 22.03 10.06
C GLY A 34 -13.93 22.56 8.84
N HIS A 35 -15.03 23.29 9.06
CA HIS A 35 -15.70 23.99 7.98
C HIS A 35 -15.05 25.33 7.66
N LYS A 36 -14.41 25.94 8.64
CA LYS A 36 -13.66 27.18 8.41
C LYS A 36 -12.23 26.94 7.94
N ARG A 37 -11.60 25.83 8.31
CA ARG A 37 -10.19 25.62 8.03
C ARG A 37 -9.93 24.18 7.62
N ARG A 38 -8.75 23.96 7.05
CA ARG A 38 -8.10 22.66 7.14
C ARG A 38 -7.64 22.38 8.57
N LEU A 39 -7.90 21.16 9.03
CA LEU A 39 -7.55 20.71 10.38
C LEU A 39 -6.10 20.25 10.45
N GLU A 40 -5.57 20.26 11.67
CA GLU A 40 -4.23 19.73 11.92
C GLU A 40 -4.21 18.98 13.25
N GLU A 41 -3.10 18.29 13.49
CA GLU A 41 -2.94 17.38 14.62
C GLU A 41 -3.05 18.07 15.98
N ASP A 42 -3.19 19.39 16.02
CA ASP A 42 -3.47 20.08 17.27
C ASP A 42 -4.95 20.35 17.47
N ASP A 43 -5.74 20.24 16.39
CA ASP A 43 -7.18 20.39 16.49
C ASP A 43 -7.86 19.13 17.01
N MET A 44 -7.26 17.98 16.81
CA MET A 44 -7.82 16.74 17.35
C MET A 44 -7.70 16.72 18.87
N TYR A 45 -8.63 16.01 19.50
CA TYR A 45 -8.65 15.85 20.95
C TYR A 45 -7.67 14.80 21.45
N SER A 46 -7.26 14.97 22.71
CA SER A 46 -6.58 13.90 23.43
C SER A 46 -7.57 12.83 23.85
N VAL A 47 -7.06 11.60 23.97
CA VAL A 47 -7.89 10.48 24.39
C VAL A 47 -8.21 10.55 25.88
N LEU A 48 -9.35 9.99 26.23
CA LEU A 48 -9.73 9.80 27.61
C LEU A 48 -8.67 8.98 28.33
N PRO A 49 -8.54 9.13 29.64
CA PRO A 49 -7.44 8.47 30.35
C PRO A 49 -7.30 6.98 30.07
N GLU A 50 -8.41 6.23 30.10
CA GLU A 50 -8.32 4.78 29.95
C GLU A 50 -7.89 4.33 28.56
N ASP A 51 -7.84 5.21 27.58
CA ASP A 51 -7.42 4.75 26.26
C ASP A 51 -5.92 4.75 26.09
N ARG A 52 -5.17 5.26 27.05
CA ARG A 52 -3.72 5.35 26.91
C ARG A 52 -3.12 3.96 26.76
N SER A 53 -2.24 3.80 25.78
CA SER A 53 -1.66 2.49 25.49
C SER A 53 -1.03 1.87 26.71
N GLN A 54 -0.35 2.68 27.51
CA GLN A 54 0.29 2.15 28.70
C GLN A 54 -0.73 1.55 29.65
N HIS A 55 -1.82 2.27 29.91
CA HIS A 55 -2.83 1.74 30.82
C HIS A 55 -3.44 0.46 30.29
N LEU A 56 -3.84 0.43 29.02
CA LEU A 56 -4.44 -0.78 28.46
C LEU A 56 -3.47 -1.95 28.45
N GLY A 57 -2.24 -1.70 28.07
CA GLY A 57 -1.26 -2.78 28.06
C GLY A 57 -0.93 -3.29 29.45
N GLU A 58 -0.66 -2.38 30.37
CA GLU A 58 -0.39 -2.78 31.73
C GLU A 58 -1.58 -3.53 32.31
N GLU A 59 -2.80 -3.09 32.02
CA GLU A 59 -3.97 -3.84 32.45
C GLU A 59 -4.05 -5.21 31.80
N LEU A 60 -3.91 -5.28 30.47
CA LEU A 60 -4.03 -6.56 29.82
C LEU A 60 -2.91 -7.53 30.21
N GLN A 61 -1.68 -7.04 30.30
CA GLN A 61 -0.62 -7.87 30.86
C GLN A 61 -1.03 -8.42 32.21
N GLY A 62 -1.66 -7.59 33.02
CA GLY A 62 -2.19 -8.00 34.30
C GLY A 62 -3.11 -9.20 34.24
N PHE A 63 -3.64 -9.52 33.06
CA PHE A 63 -4.32 -10.79 32.92
C PHE A 63 -3.50 -11.82 32.17
N TRP A 64 -2.87 -11.45 31.06
CA TRP A 64 -2.12 -12.44 30.30
C TRP A 64 -1.02 -13.04 31.16
N ASP A 65 -0.42 -12.22 32.01
CA ASP A 65 0.58 -12.71 32.95
C ASP A 65 -0.01 -13.76 33.87
N LYS A 66 -1.15 -13.47 34.47
CA LYS A 66 -1.85 -14.45 35.28
C LYS A 66 -2.16 -15.70 34.49
N GLU A 67 -2.58 -15.52 33.24
CA GLU A 67 -2.99 -16.65 32.42
C GLU A 67 -1.86 -17.60 32.08
N VAL A 68 -0.66 -17.08 31.82
CA VAL A 68 0.45 -18.00 31.61
C VAL A 68 0.85 -18.69 32.92
N LEU A 69 0.71 -18.01 34.05
CA LEU A 69 0.92 -18.67 35.34
C LEU A 69 -0.03 -19.85 35.49
N ARG A 70 -1.31 -19.66 35.20
CA ARG A 70 -2.23 -20.79 35.17
C ARG A 70 -1.75 -21.87 34.23
N ALA A 71 -1.35 -21.48 33.01
CA ALA A 71 -0.99 -22.46 32.01
C ALA A 71 0.18 -23.33 32.44
N GLU A 72 1.20 -22.72 33.04
CA GLU A 72 2.29 -23.52 33.61
C GLU A 72 1.78 -24.38 34.75
N ASN A 73 1.03 -23.79 35.68
CA ASN A 73 0.53 -24.53 36.82
C ASN A 73 -0.44 -25.62 36.42
N ASP A 74 -1.23 -25.40 35.38
CA ASP A 74 -2.11 -26.42 34.85
C ASP A 74 -1.43 -27.33 33.83
N ALA A 75 -0.16 -27.08 33.52
CA ALA A 75 0.59 -27.86 32.54
C ALA A 75 -0.15 -27.95 31.20
N GLN A 76 -0.49 -26.78 30.66
CA GLN A 76 -1.12 -26.69 29.36
C GLN A 76 -0.50 -25.55 28.58
N LYS A 77 -0.71 -25.55 27.28
CA LYS A 77 -0.39 -24.38 26.48
C LYS A 77 -1.37 -23.26 26.84
N PRO A 78 -0.89 -22.05 27.02
CA PRO A 78 -1.79 -20.97 27.46
C PRO A 78 -2.80 -20.56 26.41
N SER A 79 -3.66 -19.60 26.74
CA SER A 79 -4.67 -19.14 25.82
C SER A 79 -4.83 -17.63 25.92
N LEU A 80 -4.32 -16.91 24.92
CA LEU A 80 -4.51 -15.47 24.86
C LEU A 80 -5.97 -15.09 24.66
N THR A 81 -6.73 -15.87 23.90
CA THR A 81 -8.15 -15.61 23.76
C THR A 81 -8.87 -15.65 25.10
N ARG A 82 -8.54 -16.61 25.95
CA ARG A 82 -9.09 -16.56 27.29
C ARG A 82 -8.68 -15.28 28.02
N ALA A 83 -7.42 -14.87 27.88
CA ALA A 83 -6.94 -13.70 28.61
C ALA A 83 -7.67 -12.41 28.25
N ILE A 84 -7.81 -12.12 26.96
CA ILE A 84 -8.57 -10.92 26.61
C ILE A 84 -10.01 -11.06 27.07
N ILE A 85 -10.56 -12.26 26.96
CA ILE A 85 -11.93 -12.49 27.40
C ILE A 85 -12.06 -12.24 28.90
N LYS A 86 -11.18 -12.83 29.69
CA LYS A 86 -11.21 -12.56 31.12
C LYS A 86 -11.02 -11.08 31.42
N CYS A 87 -10.21 -10.40 30.61
CA CYS A 87 -10.10 -8.94 30.74
C CYS A 87 -11.41 -8.23 30.39
N TYR A 88 -11.99 -8.55 29.24
CA TYR A 88 -13.10 -7.76 28.71
C TYR A 88 -14.48 -8.31 29.02
N TRP A 89 -14.58 -9.56 29.48
CA TRP A 89 -15.86 -10.16 29.82
C TRP A 89 -16.69 -9.22 30.68
N LYS A 90 -16.15 -8.82 31.82
CA LYS A 90 -16.88 -7.97 32.75
C LYS A 90 -17.28 -6.63 32.12
N SER A 91 -16.58 -6.20 31.08
CA SER A 91 -16.99 -5.02 30.32
C SER A 91 -17.93 -5.39 29.17
N TYR A 92 -17.46 -6.23 28.26
CA TYR A 92 -18.08 -6.37 26.96
C TYR A 92 -19.49 -6.95 27.04
N LEU A 93 -19.80 -7.68 28.10
CA LEU A 93 -21.16 -8.14 28.31
C LEU A 93 -22.16 -6.99 28.40
N VAL A 94 -21.77 -5.88 29.01
CA VAL A 94 -22.72 -4.80 29.19
C VAL A 94 -23.24 -4.28 27.86
N LEU A 95 -22.38 -4.19 26.86
CA LEU A 95 -22.84 -3.74 25.56
C LEU A 95 -23.74 -4.77 24.89
N GLY A 96 -23.63 -6.03 25.27
CA GLY A 96 -24.62 -7.00 24.88
C GLY A 96 -26.03 -6.66 25.33
N ILE A 97 -26.17 -6.01 26.47
CA ILE A 97 -27.52 -5.69 26.93
C ILE A 97 -28.21 -4.74 25.97
N PHE A 98 -27.51 -3.71 25.50
CA PHE A 98 -28.17 -2.86 24.51
C PHE A 98 -28.45 -3.62 23.22
N THR A 99 -27.53 -4.48 22.78
CA THR A 99 -27.82 -5.27 21.60
C THR A 99 -29.10 -6.03 21.77
N LEU A 100 -29.33 -6.59 22.95
CA LEU A 100 -30.56 -7.32 23.20
C LEU A 100 -31.78 -6.42 23.05
N ILE A 101 -31.76 -5.26 23.71
CA ILE A 101 -32.92 -4.39 23.60
C ILE A 101 -33.04 -3.82 22.21
N GLU A 102 -31.93 -3.68 21.49
CA GLU A 102 -32.01 -3.24 20.10
C GLU A 102 -32.74 -4.25 19.24
N GLU A 103 -32.39 -5.53 19.37
CA GLU A 103 -33.08 -6.55 18.59
C GLU A 103 -34.56 -6.59 18.92
N SER A 104 -34.90 -6.41 20.19
CA SER A 104 -36.31 -6.33 20.56
C SER A 104 -37.03 -5.26 19.75
N ALA A 105 -36.45 -4.07 19.66
CA ALA A 105 -37.07 -3.00 18.89
C ALA A 105 -37.23 -3.38 17.43
N LYS A 106 -36.24 -4.07 16.85
CA LYS A 106 -36.35 -4.47 15.46
C LYS A 106 -37.54 -5.39 15.25
N VAL A 107 -37.77 -6.32 16.18
CA VAL A 107 -38.86 -7.26 16.04
C VAL A 107 -40.19 -6.74 16.57
N ILE A 108 -40.19 -5.87 17.57
CA ILE A 108 -41.46 -5.41 18.10
C ILE A 108 -42.17 -4.51 17.09
N GLN A 109 -41.43 -3.65 16.39
CA GLN A 109 -42.06 -2.74 15.42
C GLN A 109 -43.08 -3.42 14.52
N PRO A 110 -42.79 -4.54 13.88
CA PRO A 110 -43.83 -5.19 13.08
C PRO A 110 -45.13 -5.43 13.80
N ILE A 111 -45.08 -5.92 15.04
CA ILE A 111 -46.32 -6.31 15.70
C ILE A 111 -47.24 -5.11 15.85
N PHE A 112 -46.68 -3.96 16.20
CA PHE A 112 -47.49 -2.76 16.29
C PHE A 112 -47.77 -2.17 14.93
N LEU A 113 -46.90 -2.40 13.95
CA LEU A 113 -47.30 -2.11 12.58
C LEU A 113 -48.53 -2.91 12.21
N GLY A 114 -48.70 -4.09 12.79
CA GLY A 114 -49.94 -4.81 12.60
C GLY A 114 -51.14 -4.06 13.14
N LYS A 115 -51.08 -3.66 14.39
CA LYS A 115 -52.26 -3.08 15.01
C LYS A 115 -52.58 -1.71 14.45
N ILE A 116 -51.57 -0.95 14.03
CA ILE A 116 -51.84 0.32 13.39
C ILE A 116 -52.46 0.16 12.01
N ILE A 117 -52.09 -0.89 11.27
CA ILE A 117 -52.81 -1.23 10.06
C ILE A 117 -54.17 -1.81 10.39
N ASN A 118 -54.22 -2.64 11.43
CA ASN A 118 -55.45 -3.33 11.81
C ASN A 118 -56.56 -2.33 12.10
N TYR A 119 -56.20 -1.17 12.66
CA TYR A 119 -57.17 -0.09 12.85
C TYR A 119 -57.90 0.28 11.57
N PHE A 120 -57.17 0.38 10.45
CA PHE A 120 -57.85 0.71 9.20
C PHE A 120 -58.78 -0.41 8.72
N GLU A 121 -58.41 -1.66 8.95
CA GLU A 121 -59.30 -2.75 8.56
C GLU A 121 -60.63 -2.71 9.29
N ASN A 122 -60.65 -2.15 10.50
CA ASN A 122 -61.87 -2.03 11.28
C ASN A 122 -62.47 -0.64 11.22
N TYR A 123 -62.00 0.19 10.29
CA TYR A 123 -62.19 1.63 10.38
C TYR A 123 -63.66 2.03 10.34
N ASP A 124 -63.99 3.04 11.14
CA ASP A 124 -65.17 3.85 10.99
C ASP A 124 -64.68 5.27 11.29
N PRO A 125 -64.96 6.22 10.43
CA PRO A 125 -64.57 7.61 10.69
C PRO A 125 -65.01 8.18 12.03
N MET A 126 -66.01 7.58 12.66
CA MET A 126 -66.67 8.22 13.78
C MET A 126 -66.33 7.62 15.14
N ASP A 127 -65.39 6.67 15.22
CA ASP A 127 -64.98 6.10 16.50
C ASP A 127 -63.69 6.76 16.95
N SER A 128 -63.79 7.71 17.87
CA SER A 128 -62.61 8.35 18.43
C SER A 128 -61.82 7.43 19.35
N VAL A 129 -62.49 6.45 19.96
CA VAL A 129 -61.78 5.57 20.89
C VAL A 129 -60.77 4.69 20.17
N ALA A 130 -61.16 4.10 19.05
CA ALA A 130 -60.21 3.34 18.23
C ALA A 130 -59.07 4.22 17.76
N LEU A 131 -59.40 5.42 17.27
CA LEU A 131 -58.38 6.32 16.76
C LEU A 131 -57.35 6.63 17.82
N ASN A 132 -57.79 6.94 19.04
CA ASN A 132 -56.85 7.24 20.10
C ASN A 132 -55.94 6.06 20.38
N THR A 133 -56.47 4.84 20.30
CA THR A 133 -55.61 3.68 20.44
C THR A 133 -54.53 3.67 19.37
N ALA A 134 -54.89 3.99 18.14
CA ALA A 134 -53.91 3.98 17.07
C ALA A 134 -52.80 4.99 17.32
N TYR A 135 -53.15 6.16 17.87
CA TYR A 135 -52.11 7.11 18.21
C TYR A 135 -51.16 6.54 19.24
N ALA A 136 -51.67 5.74 20.18
CA ALA A 136 -50.77 5.09 21.13
C ALA A 136 -49.83 4.13 20.41
N TYR A 137 -50.38 3.29 19.54
CA TYR A 137 -49.51 2.42 18.75
C TYR A 137 -48.57 3.21 17.86
N ALA A 138 -49.09 4.23 17.18
CA ALA A 138 -48.19 5.06 16.40
C ALA A 138 -47.12 5.68 17.28
N THR A 139 -47.45 6.02 18.52
CA THR A 139 -46.46 6.58 19.42
C THR A 139 -45.38 5.57 19.74
N VAL A 140 -45.77 4.35 20.13
CA VAL A 140 -44.75 3.35 20.44
C VAL A 140 -43.95 3.01 19.20
N LEU A 141 -44.59 3.02 18.04
CA LEU A 141 -43.83 2.83 16.81
C LEU A 141 -42.76 3.89 16.65
N THR A 142 -43.06 5.12 17.03
CA THR A 142 -42.04 6.16 16.97
C THR A 142 -40.89 5.85 17.91
N PHE A 143 -41.17 5.57 19.18
CA PHE A 143 -40.09 5.27 20.11
C PHE A 143 -39.28 4.07 19.68
N CYS A 144 -39.95 3.05 19.16
CA CYS A 144 -39.20 1.92 18.63
C CYS A 144 -38.24 2.39 17.54
N THR A 145 -38.72 3.23 16.63
CA THR A 145 -37.81 3.83 15.67
C THR A 145 -36.72 4.64 16.37
N LEU A 146 -37.10 5.39 17.40
CA LEU A 146 -36.11 6.21 18.10
C LEU A 146 -35.02 5.38 18.75
N ILE A 147 -35.34 4.18 19.23
CA ILE A 147 -34.28 3.31 19.72
C ILE A 147 -33.28 3.00 18.62
N LEU A 148 -33.77 2.52 17.50
CA LEU A 148 -32.88 2.12 16.42
C LEU A 148 -32.20 3.33 15.79
N ALA A 149 -32.84 4.49 15.84
CA ALA A 149 -32.37 5.63 15.08
C ALA A 149 -31.55 6.61 15.88
N ILE A 150 -31.53 6.51 17.20
CA ILE A 150 -30.77 7.46 18.00
C ILE A 150 -29.88 6.74 18.99
N LEU A 151 -30.48 6.05 19.95
CA LEU A 151 -29.70 5.40 20.99
C LEU A 151 -28.80 4.32 20.43
N HIS A 152 -29.14 3.75 19.28
CA HIS A 152 -28.23 2.84 18.60
C HIS A 152 -26.86 3.45 18.39
N HIS A 153 -26.77 4.74 18.10
CA HIS A 153 -25.49 5.29 17.68
C HIS A 153 -24.48 5.38 18.82
N LEU A 154 -24.90 5.83 20.00
CA LEU A 154 -23.98 5.77 21.12
C LEU A 154 -23.54 4.34 21.38
N TYR A 155 -24.47 3.40 21.35
CA TYR A 155 -24.11 2.00 21.55
C TYR A 155 -23.08 1.55 20.55
N PHE A 156 -23.30 1.81 19.28
CA PHE A 156 -22.38 1.30 18.27
C PHE A 156 -20.99 1.91 18.43
N TYR A 157 -20.91 3.16 18.84
CA TYR A 157 -19.61 3.72 19.17
C TYR A 157 -18.93 2.94 20.28
N HIS A 158 -19.64 2.61 21.34
CA HIS A 158 -19.00 1.85 22.41
C HIS A 158 -18.57 0.46 21.96
N VAL A 159 -19.30 -0.16 21.04
CA VAL A 159 -18.79 -1.41 20.49
C VAL A 159 -17.54 -1.18 19.65
N GLN A 160 -17.49 -0.06 18.93
CA GLN A 160 -16.23 0.32 18.28
C GLN A 160 -15.11 0.55 19.28
N CYS A 161 -15.40 1.20 20.41
CA CYS A 161 -14.36 1.40 21.41
C CYS A 161 -13.84 0.11 22.00
N ALA A 162 -14.70 -0.89 22.16
CA ALA A 162 -14.12 -2.18 22.52
C ALA A 162 -13.12 -2.63 21.48
N GLY A 163 -13.42 -2.42 20.21
CA GLY A 163 -12.45 -2.71 19.19
C GLY A 163 -11.15 -1.95 19.35
N MET A 164 -11.22 -0.63 19.38
CA MET A 164 -10.00 0.17 19.45
C MET A 164 -9.24 -0.10 20.73
N ARG A 165 -9.93 -0.24 21.86
CA ARG A 165 -9.23 -0.54 23.10
C ARG A 165 -8.46 -1.84 23.00
N LEU A 166 -9.08 -2.86 22.42
CA LEU A 166 -8.38 -4.13 22.27
C LEU A 166 -7.19 -4.03 21.31
N ARG A 167 -7.36 -3.33 20.19
CA ARG A 167 -6.26 -3.13 19.25
C ARG A 167 -5.06 -2.42 19.87
N VAL A 168 -5.30 -1.33 20.57
CA VAL A 168 -4.20 -0.58 21.16
C VAL A 168 -3.44 -1.42 22.17
N ALA A 169 -4.15 -2.12 23.04
CA ALA A 169 -3.47 -2.94 24.02
C ALA A 169 -2.53 -3.94 23.38
N MET A 170 -2.94 -4.58 22.29
CA MET A 170 -2.04 -5.53 21.62
C MET A 170 -0.82 -4.84 21.02
N CYS A 171 -0.97 -3.64 20.50
CA CYS A 171 0.20 -2.91 20.02
C CYS A 171 1.18 -2.62 21.15
N HIS A 172 0.68 -2.35 22.34
CA HIS A 172 1.57 -2.22 23.49
C HIS A 172 2.26 -3.54 23.83
N MET A 173 1.50 -4.60 24.09
CA MET A 173 2.12 -5.83 24.54
C MET A 173 3.09 -6.39 23.51
N ILE A 174 2.74 -6.30 22.23
CA ILE A 174 3.67 -6.72 21.18
C ILE A 174 4.99 -5.98 21.30
N TYR A 175 4.94 -4.65 21.39
CA TYR A 175 6.19 -3.92 21.44
C TYR A 175 6.97 -4.24 22.70
N ARG A 176 6.28 -4.35 23.82
CA ARG A 176 6.94 -4.78 25.06
C ARG A 176 7.65 -6.11 24.85
N LYS A 177 6.99 -7.06 24.21
CA LYS A 177 7.64 -8.32 23.88
C LYS A 177 8.83 -8.10 22.97
N ALA A 178 8.68 -7.27 21.94
CA ALA A 178 9.74 -7.11 20.94
C ALA A 178 11.05 -6.63 21.53
N LEU A 179 11.04 -5.84 22.60
CA LEU A 179 12.31 -5.52 23.21
C LEU A 179 12.87 -6.65 24.07
N ARG A 180 11.99 -7.38 24.74
CA ARG A 180 12.45 -8.51 25.54
C ARG A 180 12.83 -9.70 24.67
N LEU A 181 12.54 -9.65 23.39
CA LEU A 181 12.74 -10.79 22.51
C LEU A 181 14.20 -11.23 22.47
N SER A 182 14.42 -12.53 22.61
CA SER A 182 15.77 -13.09 22.55
C SER A 182 16.39 -12.92 21.17
N ASN A 183 17.71 -12.71 21.14
CA ASN A 183 18.43 -12.63 19.88
C ASN A 183 18.20 -13.86 19.02
N MET A 184 18.11 -15.04 19.64
CA MET A 184 17.79 -16.23 18.86
C MET A 184 16.42 -16.10 18.21
N ALA A 185 15.44 -15.62 18.96
CA ALA A 185 14.12 -15.43 18.37
C ALA A 185 14.15 -14.37 17.29
N MET A 186 14.92 -13.32 17.48
CA MET A 186 15.15 -12.36 16.41
C MET A 186 15.87 -13.00 15.23
N GLY A 187 16.78 -13.92 15.50
CA GLY A 187 17.36 -14.70 14.41
C GLY A 187 16.34 -15.59 13.74
N LYS A 188 15.36 -16.08 14.49
CA LYS A 188 14.26 -16.83 13.91
C LYS A 188 13.16 -15.95 13.37
N THR A 189 13.40 -14.64 13.21
CA THR A 189 12.35 -13.70 12.87
C THR A 189 12.88 -12.74 11.81
N THR A 190 11.97 -12.13 11.07
CA THR A 190 12.28 -10.94 10.30
C THR A 190 11.36 -9.80 10.70
N THR A 191 11.90 -8.58 10.60
CA THR A 191 11.15 -7.38 10.94
C THR A 191 9.79 -7.36 10.27
N GLY A 192 9.73 -7.79 9.01
CA GLY A 192 8.47 -7.82 8.28
C GLY A 192 7.39 -8.63 8.96
N GLN A 193 7.77 -9.67 9.71
CA GLN A 193 6.77 -10.43 10.45
C GLN A 193 6.17 -9.61 11.58
N ILE A 194 7.01 -9.00 12.41
CA ILE A 194 6.48 -8.20 13.51
C ILE A 194 5.76 -6.97 13.00
N VAL A 195 6.34 -6.27 12.03
CA VAL A 195 5.68 -5.08 11.49
C VAL A 195 4.35 -5.44 10.84
N ASN A 196 4.29 -6.53 10.08
CA ASN A 196 3.01 -6.95 9.54
C ASN A 196 2.03 -7.30 10.64
N LEU A 197 2.49 -8.01 11.66
CA LEU A 197 1.61 -8.33 12.77
C LEU A 197 1.04 -7.07 13.38
N LEU A 198 1.87 -6.05 13.56
CA LEU A 198 1.38 -4.78 14.05
C LEU A 198 0.62 -4.01 12.98
N SER A 199 1.00 -4.16 11.72
CA SER A 199 0.34 -3.39 10.65
C SER A 199 -1.01 -3.96 10.26
N ASN A 200 -1.23 -5.25 10.43
CA ASN A 200 -2.43 -5.85 9.87
C ASN A 200 -3.12 -6.80 10.83
N ASP A 201 -2.37 -7.71 11.42
CA ASP A 201 -2.97 -8.84 12.11
C ASP A 201 -3.57 -8.44 13.47
N VAL A 202 -3.04 -7.42 14.13
CA VAL A 202 -3.81 -6.80 15.20
C VAL A 202 -4.90 -5.90 14.67
N ASN A 203 -4.75 -5.36 13.47
CA ASN A 203 -5.74 -4.42 12.98
C ASN A 203 -7.10 -5.08 12.82
N LYS A 204 -7.12 -6.39 12.62
CA LYS A 204 -8.38 -7.13 12.53
C LYS A 204 -9.28 -6.98 13.75
N PHE A 205 -8.73 -6.65 14.92
CA PHE A 205 -9.53 -6.60 16.13
C PHE A 205 -10.62 -5.54 16.16
N ASP A 206 -10.53 -4.47 15.37
CA ASP A 206 -11.71 -3.64 15.21
C ASP A 206 -12.83 -4.42 14.54
N GLN A 207 -12.52 -5.06 13.42
CA GLN A 207 -13.55 -5.59 12.56
C GLN A 207 -14.27 -6.81 13.13
N VAL A 208 -13.66 -7.52 14.08
CA VAL A 208 -14.45 -8.55 14.76
C VAL A 208 -15.46 -7.95 15.71
N THR A 209 -15.09 -6.90 16.43
CA THR A 209 -15.87 -6.52 17.59
C THR A 209 -17.17 -5.82 17.23
N VAL A 210 -17.23 -5.16 16.08
CA VAL A 210 -18.50 -4.62 15.60
C VAL A 210 -19.60 -5.66 15.47
N PHE A 211 -19.26 -6.90 15.17
CA PHE A 211 -20.28 -7.92 14.91
C PHE A 211 -20.32 -9.03 15.93
N LEU A 212 -19.40 -9.07 16.88
CA LEU A 212 -19.30 -10.24 17.75
C LEU A 212 -20.60 -10.51 18.51
N HIS A 213 -21.32 -9.45 18.89
CA HIS A 213 -22.62 -9.69 19.52
C HIS A 213 -23.67 -10.26 18.59
N PHE A 214 -23.52 -10.11 17.27
CA PHE A 214 -24.45 -10.79 16.39
C PHE A 214 -24.33 -12.30 16.42
N LEU A 215 -23.23 -12.85 16.94
CA LEU A 215 -23.10 -14.31 16.97
C LEU A 215 -24.23 -14.96 17.75
N TRP A 216 -24.67 -14.34 18.82
CA TRP A 216 -25.82 -14.84 19.55
C TRP A 216 -27.12 -14.10 19.24
N ALA A 217 -27.05 -12.78 19.08
CA ALA A 217 -28.27 -12.01 18.89
C ALA A 217 -28.90 -12.28 17.53
N GLY A 218 -28.11 -12.63 16.53
CA GLY A 218 -28.67 -12.95 15.24
C GLY A 218 -29.53 -14.20 15.26
N PRO A 219 -28.97 -15.33 15.69
CA PRO A 219 -29.81 -16.54 15.81
C PRO A 219 -31.00 -16.36 16.72
N LEU A 220 -30.82 -15.69 17.86
CA LEU A 220 -31.95 -15.44 18.74
C LEU A 220 -33.00 -14.60 18.04
N GLN A 221 -32.57 -13.62 17.26
CA GLN A 221 -33.49 -12.91 16.39
C GLN A 221 -34.28 -13.86 15.51
N ALA A 222 -33.57 -14.69 14.76
CA ALA A 222 -34.22 -15.56 13.79
C ALA A 222 -35.29 -16.43 14.44
N ILE A 223 -34.99 -17.00 15.60
CA ILE A 223 -35.98 -17.80 16.32
C ILE A 223 -37.22 -16.96 16.61
N ALA A 224 -37.02 -15.80 17.21
CA ALA A 224 -38.15 -14.95 17.57
C ALA A 224 -39.02 -14.62 16.36
N VAL A 225 -38.40 -14.28 15.25
CA VAL A 225 -39.18 -13.92 14.07
C VAL A 225 -40.02 -15.10 13.59
N THR A 226 -39.44 -16.30 13.59
CA THR A 226 -40.23 -17.47 13.22
C THR A 226 -41.37 -17.72 14.18
N ALA A 227 -41.11 -17.60 15.48
CA ALA A 227 -42.16 -17.83 16.46
C ALA A 227 -43.30 -16.83 16.28
N LEU A 228 -42.97 -15.55 16.15
CA LEU A 228 -44.02 -14.56 15.94
C LEU A 228 -44.82 -14.89 14.69
N LEU A 229 -44.12 -15.13 13.59
CA LEU A 229 -44.80 -15.38 12.33
C LEU A 229 -45.76 -16.55 12.45
N TRP A 230 -45.33 -17.61 13.14
CA TRP A 230 -46.18 -18.78 13.28
C TRP A 230 -47.50 -18.37 13.91
N MET A 231 -47.46 -17.46 14.87
CA MET A 231 -48.69 -16.96 15.44
C MET A 231 -49.47 -16.07 14.49
N GLU A 232 -48.86 -15.63 13.38
CA GLU A 232 -49.60 -14.86 12.39
C GLU A 232 -50.06 -15.66 11.18
N ILE A 233 -49.18 -16.46 10.60
CA ILE A 233 -49.45 -17.06 9.30
C ILE A 233 -49.23 -18.56 9.34
N GLY A 234 -49.24 -19.13 10.53
CA GLY A 234 -49.19 -20.57 10.69
C GLY A 234 -47.95 -21.19 10.09
N ILE A 235 -48.08 -22.46 9.71
CA ILE A 235 -46.97 -23.24 9.15
C ILE A 235 -46.37 -22.53 7.96
N SER A 236 -47.16 -21.68 7.31
CA SER A 236 -46.67 -21.00 6.11
C SER A 236 -45.42 -20.18 6.39
N CYS A 237 -45.22 -19.71 7.62
CA CYS A 237 -44.00 -18.96 7.90
C CYS A 237 -42.76 -19.83 7.75
N LEU A 238 -42.92 -21.14 7.92
CA LEU A 238 -41.78 -22.02 7.70
C LEU A 238 -41.30 -21.95 6.26
N ALA A 239 -42.22 -21.71 5.33
CA ALA A 239 -41.82 -21.65 3.94
C ALA A 239 -40.78 -20.57 3.70
N GLY A 240 -41.10 -19.34 4.09
CA GLY A 240 -40.16 -18.25 3.88
C GLY A 240 -38.90 -18.40 4.69
N MET A 241 -39.05 -18.70 5.98
CA MET A 241 -37.89 -18.73 6.85
C MET A 241 -36.91 -19.80 6.39
N ALA A 242 -37.41 -20.97 5.99
CA ALA A 242 -36.50 -22.00 5.50
C ALA A 242 -35.77 -21.52 4.26
N VAL A 243 -36.48 -20.85 3.35
CA VAL A 243 -35.82 -20.30 2.18
C VAL A 243 -34.84 -19.21 2.59
N LEU A 244 -35.22 -18.38 3.55
CA LEU A 244 -34.30 -17.38 4.05
C LEU A 244 -33.02 -18.02 4.56
N ILE A 245 -33.17 -19.08 5.36
CA ILE A 245 -31.99 -19.74 5.91
C ILE A 245 -31.17 -20.42 4.82
N ILE A 246 -31.81 -20.89 3.76
CA ILE A 246 -31.06 -21.46 2.65
C ILE A 246 -30.23 -20.40 1.95
N LEU A 247 -30.65 -19.14 2.01
CA LEU A 247 -29.85 -18.08 1.41
C LEU A 247 -28.53 -17.88 2.12
N LEU A 248 -28.43 -18.30 3.38
CA LEU A 248 -27.17 -18.17 4.10
C LEU A 248 -26.05 -19.01 3.50
N PRO A 249 -26.20 -20.32 3.27
CA PRO A 249 -25.16 -21.03 2.52
C PRO A 249 -24.90 -20.46 1.14
N LEU A 250 -25.96 -20.07 0.44
CA LEU A 250 -25.81 -19.61 -0.93
C LEU A 250 -24.92 -18.38 -0.99
N GLN A 251 -25.09 -17.46 -0.03
CA GLN A 251 -24.18 -16.33 0.06
C GLN A 251 -22.75 -16.78 0.30
N SER A 252 -22.56 -17.81 1.13
CA SER A 252 -21.23 -18.37 1.33
C SER A 252 -20.70 -19.00 0.04
N CYS A 253 -21.57 -19.63 -0.75
CA CYS A 253 -21.12 -20.22 -2.01
C CYS A 253 -20.53 -19.18 -2.94
N PHE A 254 -21.18 -18.02 -3.06
CA PHE A 254 -20.56 -16.93 -3.80
C PHE A 254 -19.27 -16.46 -3.15
N GLY A 255 -19.25 -16.35 -1.82
CA GLY A 255 -18.03 -15.96 -1.14
C GLY A 255 -16.86 -16.87 -1.49
N LYS A 256 -17.10 -18.17 -1.47
CA LYS A 256 -16.10 -19.14 -1.88
C LYS A 256 -15.57 -18.86 -3.28
N LEU A 257 -16.47 -18.80 -4.26
CA LEU A 257 -16.05 -18.77 -5.65
C LEU A 257 -15.17 -17.57 -5.98
N PHE A 258 -15.61 -16.36 -5.64
CA PHE A 258 -14.81 -15.21 -6.07
C PHE A 258 -13.48 -15.15 -5.36
N SER A 259 -13.39 -15.66 -4.13
CA SER A 259 -12.07 -15.75 -3.50
C SER A 259 -11.16 -16.65 -4.33
N SER A 260 -11.70 -17.75 -4.87
CA SER A 260 -10.92 -18.56 -5.79
C SER A 260 -10.49 -17.76 -7.00
N LEU A 261 -11.45 -17.12 -7.67
CA LEU A 261 -11.14 -16.36 -8.87
C LEU A 261 -10.31 -15.13 -8.56
N ARG A 262 -10.46 -14.55 -7.36
CA ARG A 262 -9.63 -13.41 -7.01
C ARG A 262 -8.16 -13.83 -6.93
N SER A 263 -7.87 -14.88 -6.19
CA SER A 263 -6.50 -15.39 -6.16
C SER A 263 -6.06 -15.88 -7.53
N LYS A 264 -6.99 -16.37 -8.35
CA LYS A 264 -6.65 -16.77 -9.71
C LYS A 264 -6.27 -15.57 -10.58
N THR A 265 -6.85 -14.41 -10.30
CA THR A 265 -6.49 -13.19 -11.01
C THR A 265 -5.23 -12.56 -10.44
N ALA A 266 -4.97 -12.79 -9.15
CA ALA A 266 -3.76 -12.23 -8.54
C ALA A 266 -2.52 -12.58 -9.33
N THR A 267 -2.44 -13.81 -9.85
CA THR A 267 -1.26 -14.19 -10.61
C THR A 267 -1.04 -13.30 -11.82
N PHE A 268 -2.11 -12.82 -12.45
CA PHE A 268 -1.94 -12.02 -13.66
C PHE A 268 -1.69 -10.55 -13.39
N THR A 269 -2.27 -9.99 -12.33
CA THR A 269 -1.87 -8.64 -11.96
C THR A 269 -0.43 -8.60 -11.49
N ASP A 270 0.04 -9.66 -10.84
CA ASP A 270 1.46 -9.72 -10.51
C ASP A 270 2.32 -9.87 -11.75
N ALA A 271 1.94 -10.78 -12.64
CA ALA A 271 2.68 -10.93 -13.89
C ALA A 271 2.61 -9.66 -14.73
N ARG A 272 1.46 -9.00 -14.77
CA ARG A 272 1.38 -7.72 -15.46
C ARG A 272 2.25 -6.67 -14.78
N ILE A 273 2.09 -6.51 -13.47
CA ILE A 273 2.79 -5.41 -12.80
C ILE A 273 4.29 -5.60 -12.80
N ARG A 274 4.79 -6.84 -12.74
CA ARG A 274 6.23 -6.98 -12.91
C ARG A 274 6.66 -6.58 -14.31
N THR A 275 5.92 -7.02 -15.32
CA THR A 275 6.27 -6.68 -16.69
C THR A 275 6.13 -5.19 -16.94
N MET A 276 5.10 -4.59 -16.37
CA MET A 276 4.97 -3.14 -16.46
C MET A 276 6.15 -2.45 -15.80
N ASN A 277 6.56 -2.91 -14.63
CA ASN A 277 7.68 -2.28 -13.94
C ASN A 277 8.96 -2.35 -14.76
N GLU A 278 9.15 -3.40 -15.54
CA GLU A 278 10.27 -3.41 -16.48
C GLU A 278 10.12 -2.35 -17.56
N VAL A 279 8.91 -2.17 -18.09
CA VAL A 279 8.68 -1.11 -19.05
C VAL A 279 9.00 0.26 -18.47
N ILE A 280 8.39 0.59 -17.34
CA ILE A 280 8.54 1.95 -16.83
C ILE A 280 9.98 2.24 -16.44
N THR A 281 10.64 1.32 -15.76
CA THR A 281 12.03 1.57 -15.40
C THR A 281 12.93 1.45 -16.61
N GLY A 282 12.70 0.46 -17.45
CA GLY A 282 13.51 0.25 -18.63
C GLY A 282 13.21 1.12 -19.81
N ILE A 283 12.30 2.09 -19.66
CA ILE A 283 11.65 2.72 -20.81
C ILE A 283 12.66 3.25 -21.82
N ARG A 284 13.69 3.95 -21.33
CA ARG A 284 14.60 4.63 -22.25
C ARG A 284 15.25 3.66 -23.22
N ILE A 285 15.75 2.55 -22.72
CA ILE A 285 16.39 1.57 -23.60
C ILE A 285 15.38 0.78 -24.41
N ILE A 286 14.17 0.62 -23.87
CA ILE A 286 13.08 0.07 -24.66
C ILE A 286 12.85 0.87 -25.93
N LYS A 287 12.75 2.18 -25.79
CA LYS A 287 12.46 3.05 -26.92
C LYS A 287 13.55 2.99 -27.99
N MET A 288 14.80 3.04 -27.58
CA MET A 288 15.89 2.98 -28.54
C MET A 288 15.86 1.70 -29.37
N TYR A 289 15.51 0.57 -28.78
CA TYR A 289 15.40 -0.65 -29.57
C TYR A 289 14.16 -0.71 -30.46
N ALA A 290 13.22 0.21 -30.33
CA ALA A 290 11.90 0.11 -30.98
C ALA A 290 11.15 -1.17 -30.59
N TRP A 291 11.32 -1.61 -29.36
CA TRP A 291 10.68 -2.83 -28.86
C TRP A 291 9.37 -2.55 -28.13
N GLU A 292 8.79 -1.36 -28.31
CA GLU A 292 7.43 -1.13 -27.82
C GLU A 292 6.48 -2.24 -28.24
N LYS A 293 6.46 -2.56 -29.52
CA LYS A 293 5.51 -3.55 -29.98
C LYS A 293 5.70 -4.88 -29.29
N SER A 294 6.92 -5.24 -28.94
CA SER A 294 7.11 -6.45 -28.15
C SER A 294 6.38 -6.34 -26.82
N PHE A 295 6.69 -5.31 -26.04
CA PHE A 295 6.04 -5.17 -24.74
C PHE A 295 4.56 -4.83 -24.87
N SER A 296 4.16 -4.19 -25.96
CA SER A 296 2.74 -3.97 -26.21
C SER A 296 1.96 -5.28 -26.31
N ASN A 297 2.50 -6.28 -27.01
CA ASN A 297 1.84 -7.59 -27.07
C ASN A 297 1.75 -8.25 -25.71
N LEU A 298 2.83 -8.24 -24.94
CA LEU A 298 2.79 -8.86 -23.61
C LEU A 298 1.73 -8.23 -22.73
N ILE A 299 1.79 -6.91 -22.53
CA ILE A 299 0.84 -6.26 -21.64
C ILE A 299 -0.58 -6.40 -22.14
N THR A 300 -0.77 -6.32 -23.45
CA THR A 300 -2.11 -6.54 -23.98
C THR A 300 -2.60 -7.95 -23.71
N ASN A 301 -1.78 -8.96 -23.95
CA ASN A 301 -2.23 -10.33 -23.75
C ASN A 301 -2.48 -10.66 -22.28
N LEU A 302 -1.60 -10.23 -21.38
CA LEU A 302 -1.86 -10.44 -19.97
C LEU A 302 -3.14 -9.74 -19.52
N ARG A 303 -3.33 -8.49 -19.94
CA ARG A 303 -4.54 -7.77 -19.58
C ARG A 303 -5.78 -8.46 -20.15
N LYS A 304 -5.73 -8.90 -21.40
CA LYS A 304 -6.87 -9.57 -22.00
C LYS A 304 -7.11 -10.92 -21.34
N LYS A 305 -6.05 -11.55 -20.82
CA LYS A 305 -6.22 -12.72 -19.98
C LYS A 305 -6.80 -12.34 -18.62
N GLU A 306 -6.19 -11.35 -17.96
CA GLU A 306 -6.68 -10.86 -16.68
C GLU A 306 -8.15 -10.47 -16.75
N ILE A 307 -8.51 -9.69 -17.76
CA ILE A 307 -9.87 -9.17 -17.84
C ILE A 307 -10.89 -10.29 -18.00
N SER A 308 -10.53 -11.37 -18.69
CA SER A 308 -11.46 -12.48 -18.86
C SER A 308 -11.83 -13.13 -17.53
N LYS A 309 -10.87 -13.35 -16.65
CA LYS A 309 -11.20 -13.92 -15.36
C LYS A 309 -11.83 -12.92 -14.40
N ILE A 310 -11.37 -11.67 -14.40
CA ILE A 310 -12.04 -10.69 -13.56
C ILE A 310 -13.46 -10.39 -14.03
N LEU A 311 -13.71 -10.45 -15.33
CA LEU A 311 -15.09 -10.32 -15.79
C LEU A 311 -15.92 -11.55 -15.42
N ARG A 312 -15.36 -12.75 -15.60
CA ARG A 312 -16.06 -13.97 -15.21
C ARG A 312 -16.33 -14.02 -13.71
N SER A 313 -15.41 -13.52 -12.91
CA SER A 313 -15.71 -13.28 -11.50
C SER A 313 -16.78 -12.21 -11.32
N SER A 314 -16.71 -11.16 -12.13
CA SER A 314 -17.70 -10.08 -12.02
C SER A 314 -19.13 -10.54 -12.27
N CYS A 315 -19.33 -11.56 -13.09
CA CYS A 315 -20.69 -12.11 -13.23
C CYS A 315 -21.20 -12.69 -11.92
N LEU A 316 -20.41 -13.52 -11.25
CA LEU A 316 -20.83 -14.04 -9.95
C LEU A 316 -20.98 -12.93 -8.92
N ARG A 317 -20.08 -11.94 -8.94
CA ARG A 317 -20.24 -10.84 -8.01
C ARG A 317 -21.52 -10.06 -8.28
N GLY A 318 -21.91 -9.93 -9.54
CA GLY A 318 -23.20 -9.33 -9.84
C GLY A 318 -24.39 -10.16 -9.41
N MET A 319 -24.37 -11.46 -9.73
CA MET A 319 -25.46 -12.32 -9.30
C MET A 319 -25.61 -12.33 -7.79
N ASN A 320 -24.52 -12.12 -7.06
CA ASN A 320 -24.62 -12.05 -5.61
C ASN A 320 -25.52 -10.92 -5.16
N LEU A 321 -25.27 -9.70 -5.64
CA LEU A 321 -26.12 -8.57 -5.26
C LEU A 321 -27.56 -8.78 -5.71
N ALA A 322 -27.77 -9.43 -6.85
CA ALA A 322 -29.13 -9.74 -7.26
C ALA A 322 -29.83 -10.67 -6.29
N SER A 323 -29.09 -11.53 -5.58
CA SER A 323 -29.73 -12.26 -4.49
C SER A 323 -30.15 -11.30 -3.39
N PHE A 324 -29.30 -10.35 -3.04
CA PHE A 324 -29.68 -9.36 -2.03
C PHE A 324 -30.82 -8.48 -2.50
N PHE A 325 -31.01 -8.34 -3.81
CA PHE A 325 -32.14 -7.57 -4.31
C PHE A 325 -33.44 -8.36 -4.29
N SER A 326 -33.39 -9.62 -4.69
CA SER A 326 -34.59 -10.44 -4.74
C SER A 326 -34.91 -11.18 -3.46
N ALA A 327 -33.97 -11.28 -2.52
CA ALA A 327 -34.15 -12.19 -1.39
C ALA A 327 -35.37 -11.84 -0.56
N SER A 328 -35.66 -10.57 -0.37
CA SER A 328 -36.93 -10.23 0.25
C SER A 328 -38.10 -10.70 -0.61
N LYS A 329 -38.04 -10.42 -1.91
CA LYS A 329 -39.17 -10.72 -2.77
C LYS A 329 -39.40 -12.23 -2.93
N ILE A 330 -38.33 -13.01 -3.01
CA ILE A 330 -38.50 -14.45 -3.07
C ILE A 330 -39.16 -14.97 -1.80
N ILE A 331 -38.63 -14.59 -0.64
CA ILE A 331 -39.19 -15.19 0.58
C ILE A 331 -40.59 -14.69 0.84
N VAL A 332 -40.93 -13.50 0.38
CA VAL A 332 -42.32 -13.07 0.47
C VAL A 332 -43.20 -13.92 -0.44
N PHE A 333 -42.81 -14.04 -1.71
CA PHE A 333 -43.62 -14.80 -2.66
C PHE A 333 -43.90 -16.22 -2.21
N VAL A 334 -42.87 -16.97 -1.83
CA VAL A 334 -43.15 -18.36 -1.52
C VAL A 334 -44.00 -18.48 -0.27
N THR A 335 -43.85 -17.54 0.67
CA THR A 335 -44.64 -17.62 1.89
C THR A 335 -46.12 -17.44 1.59
N PHE A 336 -46.47 -16.29 1.02
CA PHE A 336 -47.86 -16.00 0.72
C PHE A 336 -48.44 -16.92 -0.34
N THR A 337 -47.65 -17.37 -1.30
CA THR A 337 -48.18 -18.34 -2.25
C THR A 337 -48.60 -19.60 -1.52
N THR A 338 -47.75 -20.11 -0.64
CA THR A 338 -48.13 -21.27 0.14
C THR A 338 -49.30 -20.91 1.05
N TYR A 339 -49.18 -19.77 1.75
CA TYR A 339 -50.23 -19.29 2.63
C TYR A 339 -51.54 -19.11 1.91
N VAL A 340 -51.50 -18.62 0.68
CA VAL A 340 -52.75 -18.52 -0.07
C VAL A 340 -53.24 -19.89 -0.48
N LEU A 341 -52.33 -20.77 -0.91
CA LEU A 341 -52.72 -22.11 -1.27
C LEU A 341 -53.21 -22.94 -0.10
N LEU A 342 -52.84 -22.62 1.13
CA LEU A 342 -53.57 -23.22 2.22
C LEU A 342 -54.92 -22.57 2.44
N GLY A 343 -55.32 -21.67 1.56
CA GLY A 343 -56.70 -21.27 1.45
C GLY A 343 -57.11 -20.01 2.19
N SER A 344 -56.19 -19.36 2.90
CA SER A 344 -56.58 -18.16 3.60
C SER A 344 -56.86 -17.02 2.63
N VAL A 345 -57.84 -16.19 2.98
CA VAL A 345 -57.91 -14.87 2.37
C VAL A 345 -56.64 -14.12 2.73
N ILE A 346 -56.32 -13.12 1.91
CA ILE A 346 -55.18 -12.25 2.17
C ILE A 346 -55.69 -10.95 2.76
N THR A 347 -55.08 -10.51 3.84
CA THR A 347 -55.53 -9.33 4.55
C THR A 347 -54.35 -8.45 4.91
N ALA A 348 -54.57 -7.14 4.83
CA ALA A 348 -53.47 -6.17 4.89
C ALA A 348 -52.66 -6.29 6.16
N SER A 349 -53.32 -6.46 7.30
CA SER A 349 -52.58 -6.58 8.56
C SER A 349 -51.62 -7.75 8.55
N ARG A 350 -52.11 -8.94 8.23
CA ARG A 350 -51.29 -10.13 8.32
C ARG A 350 -50.25 -10.25 7.22
N VAL A 351 -50.42 -9.61 6.07
CA VAL A 351 -49.34 -9.63 5.08
C VAL A 351 -48.19 -8.72 5.48
N PHE A 352 -48.47 -7.48 5.83
CA PHE A 352 -47.38 -6.52 6.02
C PHE A 352 -46.57 -6.80 7.26
N VAL A 353 -47.17 -7.41 8.28
CA VAL A 353 -46.37 -7.88 9.40
C VAL A 353 -45.28 -8.80 8.90
N ALA A 354 -45.65 -9.80 8.11
CA ALA A 354 -44.65 -10.74 7.63
C ALA A 354 -43.64 -10.05 6.74
N VAL A 355 -44.10 -9.17 5.85
CA VAL A 355 -43.16 -8.42 5.02
C VAL A 355 -42.21 -7.63 5.90
N THR A 356 -42.71 -7.07 6.99
CA THR A 356 -41.83 -6.27 7.82
C THR A 356 -40.92 -7.12 8.69
N LEU A 357 -41.43 -8.21 9.23
CA LEU A 357 -40.57 -9.11 10.00
C LEU A 357 -39.48 -9.68 9.13
N TYR A 358 -39.83 -10.14 7.94
CA TYR A 358 -38.80 -10.55 6.99
C TYR A 358 -37.89 -9.37 6.66
N GLY A 359 -38.45 -8.19 6.43
CA GLY A 359 -37.64 -7.03 6.17
C GLY A 359 -36.65 -6.73 7.28
N ALA A 360 -37.00 -7.05 8.52
CA ALA A 360 -36.09 -6.82 9.63
C ALA A 360 -35.03 -7.91 9.73
N VAL A 361 -35.47 -9.18 9.72
CA VAL A 361 -34.51 -10.25 9.99
C VAL A 361 -33.56 -10.43 8.83
N ARG A 362 -34.00 -10.13 7.60
CA ARG A 362 -33.23 -10.52 6.43
C ARG A 362 -31.80 -10.07 6.50
N LEU A 363 -31.57 -8.85 6.95
CA LEU A 363 -30.20 -8.39 7.05
C LEU A 363 -29.40 -9.24 8.04
N THR A 364 -29.99 -9.56 9.19
CA THR A 364 -29.25 -10.27 10.22
C THR A 364 -28.78 -11.63 9.73
N VAL A 365 -29.67 -12.41 9.15
CA VAL A 365 -29.24 -13.74 8.76
C VAL A 365 -28.45 -13.70 7.47
N THR A 366 -28.72 -12.74 6.60
CA THR A 366 -28.09 -12.79 5.29
C THR A 366 -26.79 -12.01 5.22
N LEU A 367 -26.56 -11.06 6.12
CA LEU A 367 -25.36 -10.23 5.98
C LEU A 367 -24.56 -10.08 7.27
N PHE A 368 -25.21 -9.69 8.37
CA PHE A 368 -24.43 -9.46 9.58
C PHE A 368 -23.87 -10.75 10.13
N PHE A 369 -24.72 -11.73 10.35
CA PHE A 369 -24.24 -13.01 10.87
C PHE A 369 -23.28 -13.73 9.93
N PRO A 370 -23.51 -13.79 8.62
CA PRO A 370 -22.46 -14.34 7.74
C PRO A 370 -21.15 -13.61 7.85
N SER A 371 -21.18 -12.29 7.91
CA SER A 371 -19.94 -11.54 8.11
C SER A 371 -19.31 -11.86 9.45
N ALA A 372 -20.11 -11.89 10.51
CA ALA A 372 -19.57 -12.06 11.84
C ALA A 372 -18.79 -13.35 11.99
N ILE A 373 -19.32 -14.46 11.48
CA ILE A 373 -18.58 -15.71 11.60
C ILE A 373 -17.27 -15.63 10.84
N GLU A 374 -17.20 -14.82 9.79
CA GLU A 374 -15.91 -14.64 9.12
C GLU A 374 -14.96 -13.79 9.95
N ARG A 375 -15.42 -12.63 10.41
CA ARG A 375 -14.55 -11.75 11.16
C ARG A 375 -14.08 -12.37 12.47
N VAL A 376 -14.92 -13.15 13.13
CA VAL A 376 -14.44 -13.91 14.28
C VAL A 376 -13.36 -14.89 13.88
N SER A 377 -13.55 -15.60 12.76
CA SER A 377 -12.53 -16.53 12.30
C SER A 377 -11.21 -15.83 12.00
N GLU A 378 -11.25 -14.66 11.37
CA GLU A 378 -10.03 -13.90 11.14
C GLU A 378 -9.43 -13.35 12.43
N ALA A 379 -10.26 -13.01 13.39
CA ALA A 379 -9.72 -12.58 14.68
C ALA A 379 -9.02 -13.71 15.40
N ILE A 380 -9.66 -14.87 15.49
CA ILE A 380 -9.07 -15.96 16.26
C ILE A 380 -7.76 -16.44 15.66
N VAL A 381 -7.65 -16.48 14.33
CA VAL A 381 -6.35 -16.77 13.73
C VAL A 381 -5.34 -15.68 14.04
N SER A 382 -5.76 -14.42 14.04
CA SER A 382 -4.85 -13.34 14.42
C SER A 382 -4.35 -13.51 15.86
N ILE A 383 -5.24 -13.83 16.77
CA ILE A 383 -4.81 -14.10 18.15
C ILE A 383 -3.79 -15.23 18.22
N ARG A 384 -4.03 -16.32 17.52
CA ARG A 384 -3.13 -17.46 17.65
C ARG A 384 -1.72 -17.17 17.16
N ARG A 385 -1.56 -16.37 16.10
CA ARG A 385 -0.20 -15.97 15.77
C ARG A 385 0.36 -14.98 16.78
N ILE A 386 -0.47 -14.08 17.29
CA ILE A 386 -0.02 -13.21 18.36
C ILE A 386 0.34 -14.02 19.59
N GLN A 387 -0.44 -15.04 19.90
CA GLN A 387 -0.03 -15.94 20.97
C GLN A 387 1.31 -16.58 20.65
N THR A 388 1.46 -17.07 19.43
CA THR A 388 2.73 -17.67 19.03
C THR A 388 3.88 -16.71 19.26
N PHE A 389 3.71 -15.47 18.84
CA PHE A 389 4.75 -14.46 19.05
C PHE A 389 5.02 -14.21 20.53
N LEU A 390 3.98 -14.02 21.33
CA LEU A 390 4.17 -13.79 22.75
C LEU A 390 4.83 -14.94 23.49
N LEU A 391 4.88 -16.13 22.90
CA LEU A 391 5.57 -17.25 23.51
C LEU A 391 6.98 -17.48 22.98
N LEU A 392 7.50 -16.63 22.09
CA LEU A 392 8.89 -16.78 21.74
C LEU A 392 9.81 -16.61 22.96
N ASP A 393 11.01 -17.16 22.83
CA ASP A 393 12.02 -17.06 23.88
C ASP A 393 12.44 -15.61 24.12
N GLU A 394 12.90 -15.33 25.34
CA GLU A 394 13.36 -14.01 25.74
C GLU A 394 14.80 -14.09 26.24
N ILE A 395 15.51 -12.96 26.18
CA ILE A 395 16.73 -12.83 26.95
C ILE A 395 16.40 -12.71 28.43
N SER A 396 17.36 -13.12 29.27
CA SER A 396 17.20 -12.99 30.72
C SER A 396 17.16 -11.54 31.17
N GLN A 397 15.98 -11.10 31.61
CA GLN A 397 15.66 -9.69 31.64
C GLN A 397 16.38 -8.93 32.75
N ARG A 398 16.88 -9.61 33.77
CA ARG A 398 17.78 -8.92 34.68
C ARG A 398 19.12 -8.63 34.00
N ASN A 399 19.43 -9.37 32.94
CA ASN A 399 20.70 -9.28 32.23
C ASN A 399 21.89 -9.47 33.17
N LYS A 408 32.09 -1.45 38.04
CA LYS A 408 33.40 -0.82 38.12
C LYS A 408 34.40 -1.50 37.20
N MET A 409 34.12 -2.77 36.86
CA MET A 409 35.13 -3.64 36.29
C MET A 409 34.48 -4.58 35.27
N VAL A 410 35.32 -5.12 34.39
CA VAL A 410 34.91 -6.15 33.45
C VAL A 410 35.86 -7.33 33.56
N HIS A 411 35.30 -8.53 33.66
CA HIS A 411 36.08 -9.76 33.70
C HIS A 411 35.47 -10.79 32.74
N VAL A 412 36.34 -11.50 32.04
CA VAL A 412 35.95 -12.56 31.12
C VAL A 412 36.88 -13.75 31.35
N GLN A 413 36.35 -14.95 31.17
CA GLN A 413 37.04 -16.15 31.61
C GLN A 413 36.61 -17.33 30.76
N ASP A 414 37.58 -17.97 30.10
CA ASP A 414 37.37 -19.20 29.34
C ASP A 414 36.12 -19.20 28.48
N PHE A 415 35.74 -18.05 27.94
CA PHE A 415 34.36 -17.84 27.52
C PHE A 415 34.07 -18.64 26.26
N THR A 416 33.03 -19.47 26.30
CA THR A 416 32.65 -20.34 25.20
C THR A 416 31.18 -20.17 24.86
N ALA A 417 30.90 -19.50 23.74
CA ALA A 417 29.56 -19.01 23.45
C ALA A 417 29.29 -19.06 21.95
N PHE A 418 28.00 -18.99 21.61
CA PHE A 418 27.50 -19.19 20.27
C PHE A 418 26.48 -18.13 19.96
N TRP A 419 26.35 -17.78 18.68
CA TRP A 419 25.16 -17.05 18.24
C TRP A 419 23.91 -17.91 18.40
N ASP A 420 24.00 -19.19 18.09
CA ASP A 420 22.99 -20.17 18.45
C ASP A 420 23.66 -21.52 18.67
N LYS A 421 23.01 -22.35 19.49
CA LYS A 421 23.64 -23.62 19.87
C LYS A 421 23.52 -24.63 18.74
N ALA A 422 23.86 -24.19 17.54
CA ALA A 422 24.04 -25.07 16.41
C ALA A 422 25.29 -25.92 16.61
N SER A 423 25.47 -26.89 15.72
CA SER A 423 26.49 -27.92 15.90
C SER A 423 27.92 -27.43 15.70
N GLU A 424 28.11 -26.30 15.06
CA GLU A 424 29.46 -25.80 14.84
C GLU A 424 30.13 -25.40 16.16
N THR A 425 31.44 -25.16 16.05
CA THR A 425 32.26 -24.72 17.18
C THR A 425 31.79 -23.37 17.72
N PRO A 426 32.09 -23.09 18.99
CA PRO A 426 31.58 -21.85 19.61
C PRO A 426 32.08 -20.60 18.90
N THR A 427 31.22 -19.59 18.88
CA THR A 427 31.60 -18.31 18.29
C THR A 427 32.73 -17.64 19.07
N LEU A 428 32.78 -17.84 20.38
CA LEU A 428 33.91 -17.46 21.20
C LEU A 428 34.40 -18.65 22.00
N GLN A 429 35.72 -18.75 22.16
CA GLN A 429 36.34 -19.94 22.74
C GLN A 429 37.53 -19.55 23.59
N GLY A 430 37.58 -20.07 24.81
CA GLY A 430 38.71 -19.93 25.70
C GLY A 430 39.06 -18.52 26.12
N LEU A 431 38.23 -17.55 25.72
CA LEU A 431 38.57 -16.15 25.92
C LEU A 431 38.55 -15.79 27.40
N SER A 432 39.60 -15.13 27.87
CA SER A 432 39.60 -14.57 29.22
C SER A 432 40.36 -13.25 29.23
N PHE A 433 39.82 -12.27 29.96
CA PHE A 433 40.54 -11.04 30.24
C PHE A 433 39.88 -10.34 31.41
N THR A 434 40.61 -9.38 32.00
CA THR A 434 40.04 -8.43 32.94
C THR A 434 40.60 -7.05 32.66
N VAL A 435 39.75 -6.03 32.74
CA VAL A 435 40.13 -4.64 32.53
C VAL A 435 39.51 -3.80 33.65
N ARG A 436 40.27 -2.82 34.12
CA ARG A 436 39.90 -1.94 35.22
C ARG A 436 39.88 -0.49 34.75
N PRO A 437 39.15 0.39 35.45
CA PRO A 437 38.92 1.74 34.92
C PRO A 437 40.20 2.53 34.81
N GLY A 438 40.19 3.50 33.89
CA GLY A 438 41.40 4.17 33.51
C GLY A 438 42.23 3.43 32.49
N GLU A 439 41.68 2.40 31.87
CA GLU A 439 42.42 1.54 30.96
C GLU A 439 41.60 1.28 29.70
N LEU A 440 42.29 1.20 28.58
CA LEU A 440 41.68 0.91 27.29
C LEU A 440 42.16 -0.45 26.79
N LEU A 441 41.22 -1.37 26.58
CA LEU A 441 41.46 -2.54 25.75
C LEU A 441 41.26 -2.22 24.27
N ALA A 442 41.95 -2.99 23.43
CA ALA A 442 41.66 -3.00 22.01
C ALA A 442 41.65 -4.44 21.53
N VAL A 443 40.96 -4.67 20.41
CA VAL A 443 40.62 -6.02 19.98
C VAL A 443 40.77 -6.14 18.47
N VAL A 444 41.60 -7.08 18.03
CA VAL A 444 41.61 -7.54 16.63
C VAL A 444 40.63 -8.71 16.58
N GLY A 445 39.38 -8.41 16.21
CA GLY A 445 38.30 -9.35 16.35
C GLY A 445 38.11 -10.32 15.19
N PRO A 446 37.10 -11.18 15.31
CA PRO A 446 36.75 -12.10 14.23
C PRO A 446 36.44 -11.38 12.93
N VAL A 447 36.44 -12.14 11.84
CA VAL A 447 36.03 -11.65 10.54
C VAL A 447 35.18 -12.73 9.89
N GLY A 448 34.29 -12.29 9.00
CA GLY A 448 33.27 -13.18 8.49
C GLY A 448 32.22 -13.58 9.50
N ALA A 449 32.23 -12.97 10.69
CA ALA A 449 31.35 -13.36 11.77
C ALA A 449 31.13 -12.13 12.66
N GLY A 450 30.63 -12.36 13.87
CA GLY A 450 30.48 -11.23 14.76
C GLY A 450 31.84 -10.66 15.10
N LYS A 451 32.22 -9.62 14.37
CA LYS A 451 33.54 -9.05 14.51
C LYS A 451 33.74 -8.49 15.91
N SER A 452 32.67 -7.97 16.51
CA SER A 452 32.65 -7.46 17.88
C SER A 452 31.92 -8.43 18.80
N SER A 453 32.06 -9.73 18.53
CA SER A 453 31.44 -10.75 19.36
C SER A 453 31.81 -10.58 20.83
N LEU A 454 33.05 -10.17 21.09
CA LEU A 454 33.46 -9.94 22.48
C LEU A 454 32.57 -8.90 23.14
N LEU A 455 32.34 -7.77 22.45
CA LEU A 455 31.44 -6.76 22.97
C LEU A 455 30.04 -7.32 23.14
N SER A 456 29.59 -8.14 22.19
CA SER A 456 28.27 -8.74 22.29
C SER A 456 28.16 -9.63 23.53
N ALA A 457 29.25 -10.30 23.88
CA ALA A 457 29.28 -11.05 25.13
C ALA A 457 29.21 -10.11 26.32
N VAL A 458 29.99 -9.03 26.30
CA VAL A 458 29.93 -8.05 27.38
C VAL A 458 28.52 -7.48 27.50
N LEU A 459 27.85 -7.26 26.37
CA LEU A 459 26.46 -6.82 26.41
C LEU A 459 25.50 -7.89 26.87
N GLY A 460 25.93 -9.15 26.93
CA GLY A 460 24.99 -10.19 27.23
C GLY A 460 24.05 -10.52 26.10
N GLU A 461 24.42 -10.19 24.86
CA GLU A 461 23.72 -10.75 23.72
C GLU A 461 24.01 -12.24 23.58
N LEU A 462 25.06 -12.72 24.24
CA LEU A 462 25.48 -14.11 24.20
C LEU A 462 25.72 -14.60 25.62
N ALA A 463 25.62 -15.92 25.81
CA ALA A 463 25.83 -16.50 27.12
C ALA A 463 26.81 -17.65 27.03
N PRO A 464 27.64 -17.83 28.05
CA PRO A 464 28.62 -18.92 28.02
C PRO A 464 27.96 -20.28 28.18
N SER A 465 28.43 -21.23 27.37
CA SER A 465 28.26 -22.63 27.72
C SER A 465 29.23 -23.01 28.84
N HIS A 466 30.48 -22.56 28.74
CA HIS A 466 31.43 -22.61 29.85
C HIS A 466 32.20 -21.31 29.92
N GLY A 467 32.82 -21.09 31.08
CA GLY A 467 33.42 -19.82 31.40
C GLY A 467 32.42 -18.81 31.94
N LEU A 468 32.91 -17.60 32.15
CA LEU A 468 32.16 -16.57 32.85
C LEU A 468 32.49 -15.20 32.32
N VAL A 469 31.51 -14.30 32.38
CA VAL A 469 31.70 -12.86 32.25
C VAL A 469 31.06 -12.20 33.47
N SER A 470 31.74 -11.20 34.02
CA SER A 470 31.18 -10.40 35.09
C SER A 470 31.47 -8.93 34.82
N VAL A 471 30.45 -8.10 35.04
CA VAL A 471 30.51 -6.66 34.79
C VAL A 471 29.70 -5.98 35.86
N HIS A 472 30.08 -4.75 36.20
CA HIS A 472 29.29 -3.89 37.07
C HIS A 472 29.32 -2.47 36.53
N GLY A 473 28.36 -1.67 36.99
CA GLY A 473 28.14 -0.35 36.44
C GLY A 473 27.27 -0.36 35.20
N ARG A 474 27.26 0.78 34.51
CA ARG A 474 26.43 1.00 33.33
C ARG A 474 27.27 1.02 32.06
N ILE A 475 26.72 0.45 31.00
CA ILE A 475 27.42 0.25 29.73
C ILE A 475 26.93 1.26 28.72
N ALA A 476 27.86 1.89 28.02
CA ALA A 476 27.60 2.50 26.73
C ALA A 476 28.15 1.62 25.63
N TYR A 477 27.44 1.57 24.51
CA TYR A 477 27.85 0.75 23.38
C TYR A 477 27.50 1.48 22.09
N VAL A 478 28.28 1.23 21.05
CA VAL A 478 27.90 1.54 19.68
C VAL A 478 28.24 0.35 18.79
N SER A 479 27.32 -0.04 17.93
CA SER A 479 27.64 -0.98 16.87
C SER A 479 28.32 -0.27 15.72
N GLN A 480 29.12 -1.04 14.98
CA GLN A 480 29.72 -0.49 13.76
C GLN A 480 28.64 -0.11 12.77
N GLN A 481 27.56 -0.86 12.73
CA GLN A 481 26.37 -0.38 12.04
C GLN A 481 25.81 0.84 12.77
N PRO A 482 25.62 1.96 12.09
CA PRO A 482 25.00 3.12 12.73
C PRO A 482 23.52 2.90 12.98
N TRP A 483 23.00 3.62 13.96
CA TRP A 483 21.56 3.68 14.23
C TRP A 483 21.21 5.00 14.88
N VAL A 484 20.08 5.58 14.45
CA VAL A 484 19.65 6.91 14.86
C VAL A 484 18.18 6.88 15.23
N PHE A 485 17.86 7.50 16.37
CA PHE A 485 16.54 7.45 16.96
C PHE A 485 15.66 8.58 16.41
N SER A 486 14.35 8.35 16.47
CA SER A 486 13.38 9.33 16.03
C SER A 486 13.37 10.55 16.94
N GLY A 487 13.52 11.73 16.35
CA GLY A 487 13.62 12.97 17.07
C GLY A 487 14.54 13.93 16.33
N THR A 488 15.03 14.95 17.05
CA THR A 488 16.09 15.77 16.50
C THR A 488 17.44 15.06 16.68
N LEU A 489 18.46 15.60 16.02
CA LEU A 489 19.81 15.16 16.30
C LEU A 489 20.21 15.47 17.73
N ARG A 490 19.84 16.66 18.23
CA ARG A 490 20.00 16.95 19.64
C ARG A 490 19.30 15.89 20.49
N SER A 491 18.08 15.53 20.10
CA SER A 491 17.36 14.47 20.80
C SER A 491 18.13 13.15 20.73
N ASN A 492 18.80 12.89 19.61
CA ASN A 492 19.64 11.70 19.54
C ASN A 492 20.91 11.86 20.38
N ILE A 493 21.45 13.07 20.42
CA ILE A 493 22.57 13.29 21.32
C ILE A 493 22.12 13.16 22.77
N LEU A 494 20.93 13.66 23.09
CA LEU A 494 20.40 13.40 24.42
C LEU A 494 20.05 11.93 24.56
N PHE A 495 19.45 11.37 23.51
CA PHE A 495 18.86 10.03 23.50
C PHE A 495 18.18 9.74 24.83
N GLY A 496 17.27 10.64 25.20
CA GLY A 496 16.52 10.56 26.42
C GLY A 496 17.20 11.08 27.67
N LYS A 497 18.52 11.21 27.68
CA LYS A 497 19.19 11.75 28.87
C LYS A 497 18.90 13.23 29.03
N LYS A 498 18.98 13.69 30.29
CA LYS A 498 18.88 15.11 30.61
C LYS A 498 19.91 15.91 29.83
N TYR A 499 19.52 17.12 29.43
CA TYR A 499 20.43 18.04 28.74
C TYR A 499 21.37 18.75 29.71
N GLU A 500 22.65 18.84 29.32
CA GLU A 500 23.69 19.47 30.14
C GLU A 500 24.61 20.26 29.20
N LYS A 501 24.42 21.58 29.20
CA LYS A 501 25.05 22.46 28.22
C LYS A 501 26.57 22.25 28.14
N GLU A 502 27.25 22.38 29.28
CA GLU A 502 28.71 22.29 29.26
C GLU A 502 29.15 20.91 28.82
N ARG A 503 28.47 19.87 29.29
CA ARG A 503 28.76 18.53 28.79
C ARG A 503 28.47 18.47 27.30
N TYR A 504 27.28 18.92 26.91
CA TYR A 504 26.88 18.89 25.51
C TYR A 504 27.83 19.69 24.63
N GLU A 505 28.14 20.92 25.04
CA GLU A 505 29.11 21.74 24.32
C GLU A 505 30.47 21.06 24.21
N LYS A 506 31.02 20.60 25.33
CA LYS A 506 32.36 20.02 25.32
C LYS A 506 32.47 18.81 24.41
N VAL A 507 31.52 17.88 24.52
CA VAL A 507 31.58 16.68 23.69
C VAL A 507 31.22 16.99 22.24
N ILE A 508 30.22 17.84 22.00
CA ILE A 508 29.86 18.11 20.61
C ILE A 508 30.97 18.86 19.91
N LYS A 509 31.68 19.73 20.64
CA LYS A 509 32.86 20.38 20.07
C LYS A 509 34.00 19.40 19.89
N ALA A 510 34.21 18.53 20.88
CA ALA A 510 35.25 17.51 20.75
C ALA A 510 34.94 16.55 19.61
N CYS A 511 33.67 16.42 19.24
CA CYS A 511 33.30 15.62 18.08
C CYS A 511 33.43 16.41 16.79
N ALA A 512 33.88 17.66 16.84
CA ALA A 512 34.02 18.51 15.65
C ALA A 512 32.73 18.60 14.86
N LEU A 513 31.62 18.40 15.55
CA LEU A 513 30.33 18.18 14.92
C LEU A 513 29.64 19.49 14.57
N LYS A 514 29.88 20.55 15.34
CA LYS A 514 29.14 21.79 15.16
C LYS A 514 29.32 22.34 13.75
N LYS A 515 30.57 22.36 13.27
CA LYS A 515 30.84 22.90 11.94
C LYS A 515 30.10 22.08 10.87
N ASP A 516 30.30 20.76 10.88
CA ASP A 516 29.59 19.91 9.93
C ASP A 516 28.08 20.02 10.11
N LEU A 517 27.63 20.04 11.37
CA LEU A 517 26.20 20.18 11.65
C LEU A 517 25.65 21.53 11.20
N GLN A 518 26.42 22.61 11.38
CA GLN A 518 26.04 23.89 10.82
C GLN A 518 26.10 23.87 9.29
N LEU A 519 27.18 23.33 8.73
CA LEU A 519 27.34 23.39 7.28
C LEU A 519 26.33 22.49 6.58
N LEU A 520 26.02 21.34 7.16
CA LEU A 520 25.30 20.29 6.46
C LEU A 520 23.90 20.02 7.00
N GLU A 521 23.68 20.17 8.30
CA GLU A 521 22.40 19.78 8.88
C GLU A 521 21.80 20.88 9.75
N ASP A 522 22.08 22.14 9.43
CA ASP A 522 21.34 23.29 9.93
C ASP A 522 21.37 23.45 11.44
N GLY A 523 22.25 22.76 12.16
CA GLY A 523 22.29 22.86 13.60
C GLY A 523 21.52 21.73 14.28
N ASP A 524 21.75 21.62 15.59
CA ASP A 524 21.31 20.47 16.36
C ASP A 524 19.79 20.39 16.48
N LEU A 525 19.09 21.52 16.33
CA LEU A 525 17.63 21.51 16.33
C LEU A 525 17.05 20.82 15.11
N THR A 526 17.86 20.48 14.12
CA THR A 526 17.36 19.78 12.94
C THR A 526 16.66 18.49 13.33
N VAL A 527 15.41 18.36 12.91
CA VAL A 527 14.68 17.11 13.05
C VAL A 527 15.35 16.05 12.17
N ILE A 528 15.67 14.91 12.77
CA ILE A 528 16.10 13.77 11.97
C ILE A 528 14.90 13.28 11.17
N GLY A 529 15.06 13.23 9.85
CA GLY A 529 13.94 12.97 8.97
C GLY A 529 13.52 11.51 8.93
N ASP A 530 12.57 11.24 8.03
CA ASP A 530 11.99 9.92 7.90
C ASP A 530 13.05 8.86 7.66
N ARG A 531 12.98 7.77 8.43
CA ARG A 531 13.92 6.65 8.31
C ARG A 531 15.38 7.11 8.36
N GLY A 532 15.64 8.22 9.05
CA GLY A 532 17.00 8.72 9.15
C GLY A 532 17.56 9.37 7.91
N THR A 533 16.71 9.87 7.02
CA THR A 533 17.16 10.33 5.70
C THR A 533 18.16 11.48 5.80
N THR A 534 18.06 12.29 6.86
CA THR A 534 18.67 13.62 6.86
C THR A 534 20.20 13.57 6.78
N LEU A 535 20.84 12.67 7.53
CA LEU A 535 22.29 12.66 7.63
C LEU A 535 22.96 11.79 6.55
N SER A 536 24.11 12.26 6.08
CA SER A 536 25.06 11.38 5.41
C SER A 536 25.51 10.25 6.32
N GLY A 537 25.69 9.06 5.73
CA GLY A 537 26.13 7.90 6.48
C GLY A 537 27.44 8.11 7.22
N GLY A 538 28.37 8.86 6.62
CA GLY A 538 29.61 9.18 7.31
C GLY A 538 29.41 10.04 8.55
N GLN A 539 28.56 11.07 8.43
CA GLN A 539 28.24 11.88 9.59
C GLN A 539 27.36 11.11 10.56
N LYS A 540 26.46 10.28 10.03
CA LYS A 540 25.57 9.49 10.86
C LYS A 540 26.35 8.58 11.81
N ALA A 541 27.42 7.97 11.29
CA ALA A 541 28.28 7.12 12.12
C ALA A 541 28.84 7.87 13.33
N ARG A 542 29.35 9.07 13.11
CA ARG A 542 29.94 9.85 14.19
C ARG A 542 28.93 10.18 15.29
N VAL A 543 27.68 10.43 14.92
CA VAL A 543 26.66 10.76 15.91
C VAL A 543 26.56 9.68 16.97
N ASN A 544 26.73 8.41 16.59
CA ASN A 544 26.63 7.34 17.57
C ASN A 544 27.64 7.54 18.68
N LEU A 545 28.87 7.85 18.32
CA LEU A 545 29.88 8.11 19.34
C LEU A 545 29.55 9.36 20.12
N ALA A 546 29.11 10.41 19.43
CA ALA A 546 28.70 11.63 20.12
C ALA A 546 27.58 11.32 21.11
N ARG A 547 26.60 10.54 20.70
CA ARG A 547 25.60 10.04 21.63
C ARG A 547 26.24 9.28 22.77
N ALA A 548 27.11 8.33 22.44
CA ALA A 548 27.77 7.53 23.47
C ALA A 548 28.53 8.40 24.46
N VAL A 549 29.39 9.28 23.97
CA VAL A 549 30.21 10.08 24.89
C VAL A 549 29.36 11.00 25.74
N TYR A 550 28.27 11.54 25.18
CA TYR A 550 27.39 12.35 26.01
C TYR A 550 26.81 11.60 27.18
N GLN A 551 26.60 10.29 27.07
CA GLN A 551 25.97 9.60 28.19
C GLN A 551 26.86 9.49 29.42
N ASP A 552 28.17 9.66 29.28
CA ASP A 552 29.09 9.60 30.42
C ASP A 552 28.96 8.29 31.19
N ALA A 553 28.78 7.20 30.46
CA ALA A 553 28.62 5.88 31.06
C ALA A 553 29.91 5.43 31.74
N ASP A 554 29.80 4.34 32.50
CA ASP A 554 30.97 3.72 33.09
C ASP A 554 31.76 2.91 32.08
N ILE A 555 31.07 2.21 31.19
CA ILE A 555 31.70 1.34 30.21
C ILE A 555 31.48 1.93 28.84
N TYR A 556 32.56 2.11 28.08
CA TYR A 556 32.48 2.61 26.71
C TYR A 556 32.98 1.56 25.73
N LEU A 557 32.06 0.98 24.97
CA LEU A 557 32.35 -0.08 24.01
C LEU A 557 32.20 0.47 22.60
N LEU A 558 33.29 0.48 21.85
CA LEU A 558 33.30 1.07 20.52
C LEU A 558 33.54 -0.03 19.49
N ASP A 559 32.56 -0.23 18.62
CA ASP A 559 32.71 -1.01 17.39
C ASP A 559 32.89 -0.05 16.22
N ASP A 560 33.78 -0.42 15.28
CA ASP A 560 34.47 0.49 14.35
C ASP A 560 33.55 1.57 13.79
N PRO A 561 33.63 2.79 14.34
CA PRO A 561 32.66 3.83 13.99
C PRO A 561 32.99 4.53 12.67
N LEU A 562 33.38 3.77 11.65
CA LEU A 562 34.17 4.29 10.54
C LEU A 562 35.39 5.06 11.04
N SER A 563 35.96 4.61 12.16
CA SER A 563 37.32 5.00 12.51
C SER A 563 38.29 4.63 11.39
N ALA A 564 38.03 3.51 10.73
CA ALA A 564 38.77 3.12 9.53
C ALA A 564 38.77 4.22 8.48
N VAL A 565 37.78 5.11 8.49
CA VAL A 565 37.76 6.21 7.54
C VAL A 565 38.71 7.29 8.08
N ASP A 566 39.80 7.52 7.34
CA ASP A 566 40.73 8.59 7.66
C ASP A 566 40.09 9.96 7.52
N ALA A 567 40.06 10.69 8.64
CA ALA A 567 39.60 12.06 8.67
C ALA A 567 40.18 12.71 9.92
N GLU A 568 40.25 14.04 9.90
CA GLU A 568 40.82 14.76 11.04
C GLU A 568 40.02 14.49 12.30
N VAL A 569 38.70 14.33 12.18
CA VAL A 569 37.85 14.01 13.32
C VAL A 569 38.16 12.62 13.84
N SER A 570 38.30 11.65 12.91
CA SER A 570 38.63 10.28 13.26
C SER A 570 40.01 10.15 13.89
N ARG A 571 40.89 11.14 13.70
CA ARG A 571 42.06 11.30 14.56
C ARG A 571 41.77 12.13 15.81
N HIS A 572 41.10 13.26 15.65
CA HIS A 572 40.89 14.19 16.76
C HIS A 572 40.11 13.56 17.90
N LEU A 573 39.08 12.78 17.58
CA LEU A 573 38.31 12.09 18.61
C LEU A 573 39.20 11.26 19.52
N PHE A 574 40.23 10.64 18.95
CA PHE A 574 41.13 9.79 19.73
C PHE A 574 42.15 10.63 20.49
N GLU A 575 42.94 11.44 19.78
CA GLU A 575 44.10 12.09 20.38
C GLU A 575 43.71 13.08 21.46
N LEU A 576 42.56 13.74 21.33
CA LEU A 576 42.06 14.63 22.38
C LEU A 576 41.06 13.91 23.28
N CYS A 577 39.94 13.48 22.72
CA CYS A 577 38.84 12.97 23.55
C CYS A 577 39.11 11.55 24.06
N ILE A 578 39.31 10.59 23.15
CA ILE A 578 39.34 9.20 23.58
C ILE A 578 40.61 8.87 24.34
N CYS A 579 41.74 9.46 23.95
CA CYS A 579 42.99 9.15 24.65
C CYS A 579 43.11 9.85 25.99
N GLN A 580 42.43 10.97 26.18
CA GLN A 580 42.55 11.74 27.41
C GLN A 580 41.24 11.81 28.18
N ILE A 581 40.15 12.20 27.52
CA ILE A 581 38.91 12.51 28.22
C ILE A 581 38.20 11.22 28.60
N LEU A 582 37.88 10.41 27.60
CA LEU A 582 37.13 9.18 27.83
C LEU A 582 37.99 8.10 28.48
N HIS A 583 39.31 8.25 28.42
CA HIS A 583 40.23 7.20 28.87
C HIS A 583 40.13 6.90 30.35
N GLU A 584 39.54 7.80 31.15
CA GLU A 584 39.33 7.45 32.55
C GLU A 584 38.35 6.30 32.73
N LYS A 585 37.34 6.22 31.87
CA LYS A 585 36.30 5.21 31.99
C LYS A 585 36.81 3.87 31.50
N ILE A 586 36.10 2.80 31.88
CA ILE A 586 36.33 1.51 31.24
C ILE A 586 36.05 1.68 29.76
N THR A 587 36.96 1.20 28.92
CA THR A 587 36.68 1.22 27.50
C THR A 587 37.36 0.07 26.77
N ILE A 588 36.70 -0.39 25.71
CA ILE A 588 37.19 -1.44 24.84
C ILE A 588 36.99 -0.97 23.41
N LEU A 589 38.00 -1.16 22.57
CA LEU A 589 37.94 -0.62 21.21
C LEU A 589 38.26 -1.72 20.20
N VAL A 590 37.46 -1.80 19.14
CA VAL A 590 37.85 -2.46 17.91
C VAL A 590 38.01 -1.40 16.83
N THR A 591 39.16 -1.38 16.18
CA THR A 591 39.31 -0.53 15.00
C THR A 591 40.33 -1.12 14.03
N HIS A 592 40.10 -0.86 12.75
CA HIS A 592 41.08 -1.09 11.71
C HIS A 592 42.30 -0.17 11.86
N GLN A 593 42.15 0.90 12.64
CA GLN A 593 43.24 1.86 12.89
C GLN A 593 44.25 1.27 13.86
N LEU A 594 44.92 0.21 13.39
CA LEU A 594 45.82 -0.55 14.26
C LEU A 594 46.88 0.37 14.86
N GLN A 595 47.30 1.37 14.12
CA GLN A 595 48.26 2.36 14.59
C GLN A 595 47.73 3.22 15.72
N TYR A 596 46.41 3.40 15.85
CA TYR A 596 45.92 4.04 17.06
C TYR A 596 46.20 3.18 18.28
N LEU A 597 46.21 1.86 18.12
CA LEU A 597 46.38 0.97 19.25
C LEU A 597 47.80 1.01 19.82
N LYS A 598 48.72 1.70 19.15
CA LYS A 598 49.96 2.08 19.80
C LYS A 598 49.70 2.89 21.06
N ALA A 599 48.57 3.61 21.11
CA ALA A 599 48.12 4.29 22.31
C ALA A 599 47.34 3.38 23.25
N ALA A 600 47.00 2.17 22.82
CA ALA A 600 46.19 1.29 23.65
C ALA A 600 47.00 0.69 24.79
N SER A 601 46.33 0.52 25.93
CA SER A 601 46.98 -0.10 27.08
C SER A 601 47.19 -1.59 26.89
N GLN A 602 46.30 -2.24 26.14
CA GLN A 602 46.40 -3.66 25.88
C GLN A 602 45.74 -3.93 24.54
N ILE A 603 46.23 -4.95 23.82
CA ILE A 603 45.61 -5.40 22.58
C ILE A 603 45.31 -6.88 22.69
N LEU A 604 44.07 -7.23 22.38
CA LEU A 604 43.64 -8.62 22.23
C LEU A 604 43.54 -8.92 20.75
N ILE A 605 44.11 -10.04 20.33
CA ILE A 605 43.90 -10.56 18.98
C ILE A 605 43.12 -11.86 19.10
N LEU A 606 42.07 -11.99 18.30
CA LEU A 606 41.18 -13.13 18.34
C LEU A 606 41.11 -13.79 16.97
N LYS A 607 40.97 -15.10 16.96
CA LYS A 607 40.68 -15.82 15.73
C LYS A 607 39.94 -17.10 16.08
N ASP A 608 38.96 -17.43 15.25
CA ASP A 608 38.09 -18.59 15.46
C ASP A 608 37.54 -18.63 16.88
N GLY A 609 37.23 -17.44 17.42
CA GLY A 609 36.79 -17.31 18.80
C GLY A 609 37.89 -17.48 19.83
N LYS A 610 38.99 -18.09 19.45
CA LYS A 610 40.14 -18.20 20.34
C LYS A 610 40.70 -16.81 20.63
N MET A 611 41.02 -16.57 21.90
CA MET A 611 42.04 -15.58 22.24
C MET A 611 43.39 -16.12 21.80
N VAL A 612 43.95 -15.57 20.72
CA VAL A 612 45.19 -16.13 20.19
C VAL A 612 46.42 -15.48 20.81
N GLN A 613 46.38 -14.18 21.10
CA GLN A 613 47.50 -13.59 21.84
C GLN A 613 47.08 -12.28 22.49
N LYS A 614 47.71 -12.01 23.64
CA LYS A 614 47.76 -10.69 24.24
C LYS A 614 48.84 -9.85 23.54
N GLY A 615 48.66 -9.67 22.23
CA GLY A 615 49.68 -9.11 21.38
C GLY A 615 49.81 -7.60 21.50
N THR A 616 50.29 -7.14 22.66
CA THR A 616 50.53 -5.73 22.90
C THR A 616 51.37 -5.13 21.78
N TYR A 617 51.06 -3.88 21.42
CA TYR A 617 51.51 -3.29 20.15
C TYR A 617 53.01 -3.41 19.95
N THR A 618 53.78 -3.39 21.04
CA THR A 618 55.22 -3.57 20.98
C THR A 618 55.63 -4.98 20.55
N GLU A 619 54.72 -5.94 20.52
CA GLU A 619 55.07 -7.29 20.12
C GLU A 619 55.44 -7.39 18.65
N PHE A 620 55.02 -6.44 17.82
CA PHE A 620 55.36 -6.47 16.41
C PHE A 620 56.86 -6.34 16.23
N VAL A 696 -15.08 15.91 -6.98
CA VAL A 696 -14.67 15.79 -8.37
C VAL A 696 -15.80 16.21 -9.31
N GLY A 697 -15.45 16.88 -10.41
CA GLY A 697 -16.47 17.42 -11.29
C GLY A 697 -17.12 16.38 -12.19
N PHE A 698 -18.29 16.77 -12.71
CA PHE A 698 -19.10 15.89 -13.55
C PHE A 698 -18.34 15.30 -14.71
N GLN A 699 -17.38 16.04 -15.27
CA GLN A 699 -16.64 15.54 -16.41
C GLN A 699 -15.95 14.23 -16.14
N ALA A 700 -15.53 13.99 -14.89
CA ALA A 700 -14.96 12.69 -14.56
C ALA A 700 -15.96 11.58 -14.80
N TYR A 701 -17.20 11.75 -14.35
CA TYR A 701 -18.21 10.73 -14.60
C TYR A 701 -18.48 10.56 -16.08
N LYS A 702 -18.65 11.67 -16.80
CA LYS A 702 -18.88 11.57 -18.23
C LYS A 702 -17.79 10.76 -18.90
N ASN A 703 -16.54 11.11 -18.63
CA ASN A 703 -15.43 10.42 -19.28
C ASN A 703 -15.45 8.93 -18.95
N TYR A 704 -15.70 8.59 -17.69
CA TYR A 704 -15.68 7.19 -17.30
C TYR A 704 -16.81 6.40 -17.94
N PHE A 705 -18.02 6.93 -17.96
CA PHE A 705 -19.14 6.20 -18.55
C PHE A 705 -19.05 6.16 -20.06
N ARG A 706 -18.73 7.28 -20.71
CA ARG A 706 -18.56 7.26 -22.16
C ARG A 706 -17.50 6.27 -22.60
N ALA A 707 -16.45 6.08 -21.80
CA ALA A 707 -15.47 5.05 -22.13
C ALA A 707 -16.06 3.65 -22.11
N GLY A 708 -17.25 3.47 -21.53
CA GLY A 708 -17.86 2.16 -21.51
C GLY A 708 -18.75 1.83 -22.69
N ALA A 709 -19.62 2.76 -23.08
CA ALA A 709 -20.60 2.45 -24.10
C ALA A 709 -21.16 3.75 -24.65
N HIS A 710 -21.94 3.61 -25.72
CA HIS A 710 -22.71 4.73 -26.21
C HIS A 710 -23.72 5.13 -25.16
N TRP A 711 -24.03 6.43 -25.10
CA TRP A 711 -25.04 6.85 -24.14
C TRP A 711 -26.37 6.17 -24.40
N ILE A 712 -26.61 5.73 -25.63
CA ILE A 712 -27.80 4.95 -25.92
C ILE A 712 -27.88 3.71 -25.05
N VAL A 713 -26.74 3.09 -24.74
CA VAL A 713 -26.77 1.95 -23.84
C VAL A 713 -27.15 2.35 -22.43
N PHE A 714 -26.63 3.48 -21.95
CA PHE A 714 -27.02 3.94 -20.63
C PHE A 714 -28.49 4.25 -20.55
N ILE A 715 -29.09 4.70 -21.65
CA ILE A 715 -30.54 4.83 -21.69
C ILE A 715 -31.19 3.47 -21.50
N PHE A 716 -30.67 2.45 -22.16
CA PHE A 716 -31.18 1.11 -21.89
C PHE A 716 -30.93 0.74 -20.44
N LEU A 717 -29.77 1.13 -19.91
CA LEU A 717 -29.46 0.85 -18.50
C LEU A 717 -30.40 1.57 -17.55
N ILE A 718 -30.69 2.84 -17.82
CA ILE A 718 -31.60 3.57 -16.94
C ILE A 718 -32.99 2.97 -16.96
N LEU A 719 -33.42 2.44 -18.09
CA LEU A 719 -34.67 1.69 -18.12
C LEU A 719 -34.63 0.49 -17.19
N LEU A 720 -33.56 -0.30 -17.23
CA LEU A 720 -33.50 -1.47 -16.36
C LEU A 720 -33.52 -1.11 -14.89
N ASN A 721 -32.78 -0.08 -14.48
CA ASN A 721 -32.81 0.31 -13.08
C ASN A 721 -34.24 0.51 -12.62
N THR A 722 -34.97 1.40 -13.29
CA THR A 722 -36.34 1.65 -12.87
C THR A 722 -37.17 0.39 -13.00
N ALA A 723 -36.92 -0.41 -14.03
CA ALA A 723 -37.71 -1.61 -14.21
C ALA A 723 -37.50 -2.57 -13.05
N ALA A 724 -36.27 -2.69 -12.57
CA ALA A 724 -36.06 -3.52 -11.39
C ALA A 724 -36.73 -2.90 -10.17
N GLN A 725 -36.55 -1.60 -9.97
CA GLN A 725 -37.14 -0.93 -8.82
C GLN A 725 -38.66 -0.89 -8.87
N VAL A 726 -39.24 -0.63 -10.03
CA VAL A 726 -40.69 -0.59 -10.14
C VAL A 726 -41.28 -1.99 -10.07
N ALA A 727 -40.60 -2.97 -10.62
CA ALA A 727 -41.04 -4.34 -10.35
C ALA A 727 -40.97 -4.65 -8.87
N TYR A 728 -39.97 -4.13 -8.16
CA TYR A 728 -39.87 -4.41 -6.74
C TYR A 728 -41.04 -3.83 -5.95
N VAL A 729 -41.29 -2.53 -6.09
CA VAL A 729 -42.40 -1.89 -5.38
C VAL A 729 -43.74 -2.46 -5.81
N LEU A 730 -43.95 -2.63 -7.11
CA LEU A 730 -45.25 -3.13 -7.55
C LEU A 730 -45.56 -4.51 -7.00
N GLN A 731 -44.54 -5.31 -6.69
CA GLN A 731 -44.87 -6.56 -6.03
C GLN A 731 -45.56 -6.30 -4.70
N ASP A 732 -44.95 -5.49 -3.85
CA ASP A 732 -45.59 -5.27 -2.56
C ASP A 732 -46.88 -4.47 -2.71
N TRP A 733 -46.95 -3.56 -3.68
CA TRP A 733 -48.22 -2.91 -3.95
C TRP A 733 -49.27 -3.89 -4.45
N TRP A 734 -48.89 -4.84 -5.27
CA TRP A 734 -49.85 -5.83 -5.72
C TRP A 734 -50.36 -6.66 -4.56
N LEU A 735 -49.50 -6.96 -3.61
CA LEU A 735 -49.96 -7.66 -2.42
C LEU A 735 -50.96 -6.82 -1.63
N SER A 736 -50.71 -5.52 -1.50
CA SER A 736 -51.74 -4.62 -0.97
C SER A 736 -53.01 -4.65 -1.80
N TYR A 737 -52.88 -4.45 -3.11
CA TYR A 737 -54.05 -4.36 -3.96
C TYR A 737 -54.91 -5.61 -3.82
N TRP A 738 -54.27 -6.76 -3.79
CA TRP A 738 -54.98 -7.99 -3.51
C TRP A 738 -55.76 -7.89 -2.21
N ALA A 739 -55.07 -7.53 -1.13
CA ALA A 739 -55.76 -7.40 0.16
C ALA A 739 -56.89 -6.40 0.11
N ASN A 740 -56.71 -5.32 -0.64
CA ASN A 740 -57.76 -4.31 -0.70
C ASN A 740 -59.02 -4.83 -1.39
N LYS A 741 -58.86 -5.49 -2.53
CA LYS A 741 -60.02 -6.11 -3.17
C LYS A 741 -60.66 -7.14 -2.24
N GLN A 742 -59.85 -8.07 -1.73
CA GLN A 742 -60.37 -9.14 -0.89
C GLN A 742 -61.19 -8.62 0.26
N SER A 743 -60.66 -7.67 1.03
CA SER A 743 -61.37 -7.16 2.18
C SER A 743 -62.60 -6.35 1.82
N MET A 744 -62.80 -6.06 0.55
CA MET A 744 -64.04 -5.40 0.16
C MET A 744 -65.19 -6.39 0.01
N LEU A 745 -64.90 -7.67 -0.16
CA LEU A 745 -65.96 -8.65 -0.42
C LEU A 745 -66.81 -8.91 0.80
N ASN A 746 -68.06 -9.31 0.54
CA ASN A 746 -69.03 -9.66 1.58
C ASN A 746 -68.57 -10.83 2.44
N GLU A 757 -67.43 -13.31 -1.66
CA GLU A 757 -67.45 -14.00 -2.94
C GLU A 757 -66.02 -14.33 -3.36
N LYS A 758 -65.85 -15.38 -4.15
CA LYS A 758 -64.52 -15.87 -4.48
C LYS A 758 -63.72 -14.87 -5.30
N LEU A 759 -62.41 -14.83 -5.04
CA LEU A 759 -61.45 -14.20 -5.93
C LEU A 759 -60.96 -15.21 -6.98
N ASP A 760 -60.59 -14.72 -8.15
CA ASP A 760 -59.94 -15.57 -9.14
C ASP A 760 -58.51 -15.79 -8.68
N LEU A 761 -58.31 -16.88 -7.94
CA LEU A 761 -57.00 -17.19 -7.40
C LEU A 761 -55.91 -17.12 -8.46
N ASN A 762 -56.14 -17.76 -9.60
CA ASN A 762 -55.13 -17.78 -10.66
C ASN A 762 -55.04 -16.50 -11.45
N TRP A 763 -55.93 -15.53 -11.25
CA TRP A 763 -55.59 -14.18 -11.70
C TRP A 763 -54.63 -13.53 -10.73
N TYR A 764 -55.02 -13.42 -9.47
CA TYR A 764 -54.22 -12.66 -8.52
C TYR A 764 -52.87 -13.31 -8.30
N LEU A 765 -52.87 -14.59 -7.98
CA LEU A 765 -51.59 -15.29 -7.81
C LEU A 765 -50.81 -15.37 -9.10
N GLY A 766 -51.47 -15.44 -10.23
CA GLY A 766 -50.75 -15.41 -11.48
C GLY A 766 -49.91 -14.17 -11.65
N ILE A 767 -50.55 -13.01 -11.66
CA ILE A 767 -49.83 -11.74 -11.81
C ILE A 767 -48.80 -11.57 -10.72
N TYR A 768 -49.16 -11.90 -9.49
CA TYR A 768 -48.22 -11.77 -8.38
C TYR A 768 -46.97 -12.58 -8.63
N SER A 769 -47.14 -13.80 -9.08
CA SER A 769 -45.99 -14.62 -9.44
C SER A 769 -45.21 -13.98 -10.57
N GLY A 770 -45.92 -13.38 -11.52
CA GLY A 770 -45.24 -12.67 -12.58
C GLY A 770 -44.30 -11.58 -12.09
N LEU A 771 -44.79 -10.73 -11.19
CA LEU A 771 -43.90 -9.69 -10.68
C LEU A 771 -42.72 -10.26 -9.93
N THR A 772 -42.88 -11.38 -9.23
CA THR A 772 -41.73 -12.00 -8.60
C THR A 772 -40.70 -12.40 -9.63
N VAL A 773 -41.12 -13.15 -10.64
CA VAL A 773 -40.18 -13.53 -11.69
C VAL A 773 -39.61 -12.31 -12.38
N ALA A 774 -40.46 -11.32 -12.66
CA ALA A 774 -39.98 -10.08 -13.26
C ALA A 774 -38.96 -9.37 -12.38
N THR A 775 -39.26 -9.21 -11.09
CA THR A 775 -38.36 -8.43 -10.25
C THR A 775 -37.01 -9.10 -10.01
N VAL A 776 -36.95 -10.42 -9.93
CA VAL A 776 -35.64 -11.08 -9.89
C VAL A 776 -34.96 -11.05 -11.25
N LEU A 777 -35.74 -11.13 -12.33
CA LEU A 777 -35.12 -11.21 -13.66
C LEU A 777 -34.55 -9.86 -14.08
N PHE A 778 -35.33 -8.79 -13.99
CA PHE A 778 -34.74 -7.49 -14.25
C PHE A 778 -33.67 -7.18 -13.22
N GLY A 779 -33.87 -7.62 -11.98
CA GLY A 779 -32.86 -7.40 -10.95
C GLY A 779 -31.54 -8.06 -11.30
N ILE A 780 -31.58 -9.34 -11.67
CA ILE A 780 -30.35 -10.01 -12.06
C ILE A 780 -29.81 -9.41 -13.36
N ALA A 781 -30.68 -9.13 -14.33
CA ALA A 781 -30.21 -8.56 -15.58
C ALA A 781 -29.54 -7.22 -15.34
N ARG A 782 -30.17 -6.35 -14.56
CA ARG A 782 -29.54 -5.09 -14.19
C ARG A 782 -28.19 -5.33 -13.56
N SER A 783 -28.12 -6.27 -12.64
CA SER A 783 -26.89 -6.47 -11.87
C SER A 783 -25.77 -6.97 -12.74
N LEU A 784 -26.06 -7.76 -13.75
CA LEU A 784 -25.01 -8.13 -14.70
C LEU A 784 -24.65 -6.95 -15.60
N LEU A 785 -25.65 -6.25 -16.13
CA LEU A 785 -25.37 -5.21 -17.10
C LEU A 785 -24.46 -4.14 -16.56
N VAL A 786 -24.72 -3.64 -15.35
CA VAL A 786 -23.92 -2.55 -14.82
C VAL A 786 -22.45 -2.95 -14.77
N PHE A 787 -22.17 -4.15 -14.29
CA PHE A 787 -20.77 -4.59 -14.25
C PHE A 787 -20.17 -4.60 -15.64
N TYR A 788 -20.88 -5.17 -16.60
CA TYR A 788 -20.32 -5.25 -17.93
C TYR A 788 -20.01 -3.86 -18.46
N VAL A 789 -20.95 -2.92 -18.33
CA VAL A 789 -20.71 -1.57 -18.82
C VAL A 789 -19.52 -0.94 -18.10
N LEU A 790 -19.48 -1.06 -16.78
CA LEU A 790 -18.37 -0.43 -16.07
C LEU A 790 -17.06 -1.18 -16.26
N VAL A 791 -17.08 -2.51 -16.27
CA VAL A 791 -15.82 -3.22 -16.44
C VAL A 791 -15.29 -3.08 -17.85
N ASN A 792 -16.16 -3.12 -18.85
CA ASN A 792 -15.71 -2.77 -20.18
C ASN A 792 -15.16 -1.37 -20.22
N SER A 793 -15.70 -0.46 -19.43
CA SER A 793 -15.10 0.86 -19.36
C SER A 793 -13.70 0.82 -18.78
N SER A 794 -13.48 0.06 -17.72
CA SER A 794 -12.13 -0.03 -17.16
C SER A 794 -11.12 -0.60 -18.16
N GLN A 795 -11.50 -1.67 -18.87
CA GLN A 795 -10.64 -2.19 -19.91
C GLN A 795 -10.24 -1.15 -20.94
N THR A 796 -11.20 -0.34 -21.39
CA THR A 796 -10.87 0.65 -22.39
C THR A 796 -9.91 1.69 -21.85
N LEU A 797 -10.17 2.21 -20.65
CA LEU A 797 -9.26 3.20 -20.09
C LEU A 797 -7.85 2.68 -19.96
N HIS A 798 -7.67 1.42 -19.57
CA HIS A 798 -6.34 0.85 -19.54
C HIS A 798 -5.67 0.89 -20.90
N ASN A 799 -6.34 0.41 -21.94
CA ASN A 799 -5.67 0.34 -23.24
C ASN A 799 -5.48 1.73 -23.84
N LYS A 800 -6.47 2.60 -23.73
CA LYS A 800 -6.22 3.97 -24.15
C LYS A 800 -5.10 4.58 -23.33
N MET A 801 -5.01 4.24 -22.05
CA MET A 801 -3.97 4.80 -21.20
C MET A 801 -2.62 4.14 -21.41
N PHE A 802 -2.59 2.82 -21.58
CA PHE A 802 -1.32 2.14 -21.73
C PHE A 802 -0.57 2.55 -22.98
N GLU A 803 -1.27 2.71 -24.10
CA GLU A 803 -0.59 3.21 -25.28
C GLU A 803 0.00 4.59 -25.06
N SER A 804 -0.69 5.44 -24.32
CA SER A 804 -0.13 6.73 -23.99
C SER A 804 1.18 6.63 -23.25
N ILE A 805 1.39 5.56 -22.48
CA ILE A 805 2.66 5.44 -21.76
C ILE A 805 3.81 5.06 -22.67
N LEU A 806 3.61 4.11 -23.58
CA LEU A 806 4.69 3.79 -24.51
C LEU A 806 5.04 4.98 -25.39
N LYS A 807 4.03 5.71 -25.84
CA LYS A 807 4.28 6.83 -26.72
C LYS A 807 4.60 8.10 -25.97
N ALA A 808 4.67 8.06 -24.65
CA ALA A 808 5.14 9.21 -23.90
C ALA A 808 6.62 9.43 -24.18
N PRO A 809 7.05 10.68 -24.30
CA PRO A 809 8.48 10.94 -24.47
C PRO A 809 9.22 10.68 -23.17
N VAL A 810 10.53 10.47 -23.31
CA VAL A 810 11.36 10.24 -22.13
C VAL A 810 11.21 11.36 -21.13
N LEU A 811 10.96 12.59 -21.62
CA LEU A 811 10.74 13.73 -20.74
C LEU A 811 9.70 13.42 -19.68
N PHE A 812 8.70 12.64 -20.03
CA PHE A 812 7.69 12.23 -19.07
C PHE A 812 8.31 11.41 -17.93
N PHE A 813 9.19 10.48 -18.27
CA PHE A 813 9.83 9.64 -17.27
C PHE A 813 10.95 10.33 -16.52
N ASP A 814 11.47 11.44 -17.02
CA ASP A 814 12.34 12.26 -16.18
C ASP A 814 11.57 12.91 -15.05
N ARG A 815 10.44 13.54 -15.36
CA ARG A 815 9.68 14.24 -14.33
C ARG A 815 8.96 13.28 -13.39
N ASN A 816 8.48 12.15 -13.90
CA ASN A 816 7.67 11.27 -13.05
C ASN A 816 8.50 10.15 -12.49
N PRO A 817 8.53 10.00 -11.16
CA PRO A 817 9.21 8.83 -10.57
C PRO A 817 8.57 7.54 -11.03
N ILE A 818 9.38 6.48 -11.05
CA ILE A 818 8.88 5.16 -11.42
C ILE A 818 7.73 4.75 -10.53
N GLY A 819 7.86 4.94 -9.22
CA GLY A 819 6.78 4.60 -8.32
C GLY A 819 5.50 5.35 -8.62
N ARG A 820 5.60 6.65 -8.89
CA ARG A 820 4.41 7.42 -9.20
C ARG A 820 3.67 6.88 -10.42
N ILE A 821 4.40 6.47 -11.47
CA ILE A 821 3.73 5.89 -12.63
C ILE A 821 3.22 4.49 -12.31
N LEU A 822 4.09 3.62 -11.82
CA LEU A 822 3.72 2.22 -11.66
C LEU A 822 2.56 2.05 -10.70
N ASN A 823 2.49 2.89 -9.67
CA ASN A 823 1.36 2.87 -8.76
C ASN A 823 0.02 2.95 -9.48
N ARG A 824 -0.07 3.76 -10.54
CA ARG A 824 -1.31 3.85 -11.29
C ARG A 824 -1.68 2.56 -11.98
N PHE A 825 -0.70 1.80 -12.45
CA PHE A 825 -1.01 0.52 -13.09
C PHE A 825 -1.32 -0.57 -12.09
N SER A 826 -0.88 -0.43 -10.84
CA SER A 826 -1.22 -1.37 -9.78
C SER A 826 -2.45 -0.96 -9.00
N LYS A 827 -2.42 0.23 -8.41
CA LYS A 827 -3.48 0.66 -7.51
C LYS A 827 -4.74 1.06 -8.25
N ASP A 828 -4.66 2.11 -9.05
CA ASP A 828 -5.87 2.70 -9.64
C ASP A 828 -6.58 1.74 -10.58
N ILE A 829 -5.89 1.22 -11.59
CA ILE A 829 -6.56 0.26 -12.46
C ILE A 829 -6.87 -1.03 -11.71
N GLY A 830 -6.19 -1.28 -10.60
CA GLY A 830 -6.70 -2.29 -9.69
C GLY A 830 -8.12 -1.99 -9.24
N HIS A 831 -8.33 -0.80 -8.66
CA HIS A 831 -9.66 -0.43 -8.20
C HIS A 831 -10.69 -0.45 -9.31
N LEU A 832 -10.35 0.06 -10.49
CA LEU A 832 -11.32 0.06 -11.57
C LEU A 832 -11.71 -1.34 -12.03
N ASP A 833 -10.94 -2.36 -11.67
CA ASP A 833 -11.39 -3.72 -11.89
C ASP A 833 -11.98 -4.35 -10.64
N ASP A 834 -11.28 -4.24 -9.51
CA ASP A 834 -11.68 -4.99 -8.33
C ASP A 834 -12.98 -4.48 -7.75
N LEU A 835 -13.09 -3.17 -7.58
CA LEU A 835 -13.94 -2.67 -6.51
C LEU A 835 -14.85 -1.52 -6.91
N LEU A 836 -14.42 -0.63 -7.79
CA LEU A 836 -15.28 0.50 -8.08
C LEU A 836 -16.52 0.08 -8.83
N PRO A 837 -16.45 -0.77 -9.85
CA PRO A 837 -17.70 -1.23 -10.45
C PRO A 837 -18.61 -1.89 -9.43
N LEU A 838 -18.05 -2.72 -8.54
CA LEU A 838 -18.85 -3.27 -7.45
C LEU A 838 -19.45 -2.17 -6.60
N THR A 839 -18.62 -1.28 -6.08
CA THR A 839 -19.14 -0.24 -5.21
C THR A 839 -20.14 0.64 -5.93
N PHE A 840 -19.97 0.86 -7.21
CA PHE A 840 -20.93 1.68 -7.92
C PHE A 840 -22.27 0.99 -8.05
N LEU A 841 -22.27 -0.29 -8.39
CA LEU A 841 -23.53 -1.01 -8.52
C LEU A 841 -24.26 -1.05 -7.18
N ASP A 842 -23.52 -1.24 -6.10
CA ASP A 842 -24.12 -1.24 -4.77
C ASP A 842 -24.65 0.12 -4.37
N PHE A 843 -23.99 1.19 -4.77
CA PHE A 843 -24.58 2.52 -4.61
C PHE A 843 -25.86 2.68 -5.39
N ILE A 844 -25.85 2.32 -6.68
CA ILE A 844 -27.05 2.48 -7.49
C ILE A 844 -28.18 1.60 -6.99
N GLN A 845 -27.90 0.35 -6.67
CA GLN A 845 -28.95 -0.50 -6.12
C GLN A 845 -29.63 0.17 -4.94
N THR A 846 -28.85 0.61 -3.97
CA THR A 846 -29.43 1.17 -2.76
C THR A 846 -30.15 2.47 -3.05
N LEU A 847 -29.59 3.31 -3.92
CA LEU A 847 -30.24 4.58 -4.23
C LEU A 847 -31.62 4.37 -4.80
N LEU A 848 -31.81 3.38 -5.66
CA LEU A 848 -33.16 3.09 -6.10
C LEU A 848 -34.05 2.72 -4.92
N GLN A 849 -33.57 1.87 -4.02
CA GLN A 849 -34.45 1.46 -2.93
C GLN A 849 -34.85 2.61 -2.04
N VAL A 850 -33.96 3.56 -1.79
CA VAL A 850 -34.41 4.77 -1.11
C VAL A 850 -35.43 5.49 -1.95
N VAL A 851 -35.19 5.62 -3.25
CA VAL A 851 -36.21 6.17 -4.14
C VAL A 851 -37.46 5.32 -4.12
N GLY A 852 -37.33 4.05 -3.82
CA GLY A 852 -38.50 3.23 -3.63
C GLY A 852 -39.38 3.71 -2.50
N VAL A 853 -38.84 3.77 -1.28
CA VAL A 853 -39.64 4.16 -0.12
C VAL A 853 -40.19 5.57 -0.25
N VAL A 854 -39.36 6.52 -0.63
CA VAL A 854 -39.82 7.90 -0.69
C VAL A 854 -40.92 8.06 -1.73
N SER A 855 -40.72 7.50 -2.91
CA SER A 855 -41.73 7.63 -3.95
C SER A 855 -42.99 6.82 -3.67
N VAL A 856 -42.88 5.65 -3.03
CA VAL A 856 -44.09 4.99 -2.56
C VAL A 856 -44.81 5.86 -1.57
N ALA A 857 -44.08 6.48 -0.66
CA ALA A 857 -44.72 7.21 0.41
C ALA A 857 -45.44 8.43 -0.14
N VAL A 858 -44.81 9.19 -1.02
CA VAL A 858 -45.52 10.34 -1.56
C VAL A 858 -46.68 9.90 -2.45
N ALA A 859 -46.59 8.74 -3.08
CA ALA A 859 -47.72 8.29 -3.86
C ALA A 859 -48.91 8.02 -2.96
N VAL A 860 -48.70 7.27 -1.88
CA VAL A 860 -49.81 6.90 -1.03
C VAL A 860 -50.31 8.09 -0.23
N ILE A 861 -49.43 9.01 0.14
CA ILE A 861 -49.81 10.17 0.93
C ILE A 861 -49.22 11.41 0.26
N PRO A 862 -49.97 12.10 -0.58
CA PRO A 862 -49.37 13.15 -1.41
C PRO A 862 -48.73 14.27 -0.62
N TRP A 863 -49.28 14.61 0.54
CA TRP A 863 -48.77 15.78 1.24
C TRP A 863 -47.46 15.51 1.94
N ILE A 864 -46.98 14.27 1.96
CA ILE A 864 -45.61 14.02 2.36
C ILE A 864 -44.66 14.78 1.46
N ALA A 865 -45.06 15.00 0.21
CA ALA A 865 -44.18 15.69 -0.73
C ALA A 865 -43.81 17.08 -0.29
N ILE A 866 -44.55 17.70 0.63
CA ILE A 866 -44.09 18.98 1.12
C ILE A 866 -42.90 18.77 2.05
N PRO A 867 -43.06 18.19 3.25
CA PRO A 867 -41.91 18.14 4.17
C PRO A 867 -40.72 17.38 3.63
N LEU A 868 -40.89 16.56 2.59
CA LEU A 868 -39.74 15.96 1.94
C LEU A 868 -38.69 16.98 1.55
N VAL A 869 -39.10 18.15 1.08
CA VAL A 869 -38.13 19.12 0.60
C VAL A 869 -37.31 19.70 1.75
N PRO A 870 -37.92 20.11 2.86
CA PRO A 870 -37.09 20.45 4.03
C PRO A 870 -36.09 19.37 4.38
N LEU A 871 -36.53 18.12 4.49
CA LEU A 871 -35.61 17.03 4.80
C LEU A 871 -34.50 16.94 3.76
N GLY A 872 -34.84 17.12 2.49
CA GLY A 872 -33.82 17.13 1.47
C GLY A 872 -32.78 18.22 1.65
N ILE A 873 -33.22 19.46 1.72
CA ILE A 873 -32.26 20.56 1.82
C ILE A 873 -31.46 20.45 3.09
N ILE A 874 -32.09 19.96 4.17
CA ILE A 874 -31.34 19.67 5.37
C ILE A 874 -30.24 18.67 5.07
N PHE A 875 -30.58 17.61 4.36
CA PHE A 875 -29.58 16.62 4.00
C PHE A 875 -28.46 17.21 3.16
N ILE A 876 -28.79 18.07 2.21
CA ILE A 876 -27.75 18.61 1.33
C ILE A 876 -26.75 19.44 2.14
N PHE A 877 -27.27 20.35 2.95
CA PHE A 877 -26.37 21.13 3.80
C PHE A 877 -25.62 20.24 4.77
N LEU A 878 -26.28 19.22 5.30
CA LEU A 878 -25.61 18.29 6.20
C LEU A 878 -24.45 17.58 5.51
N ARG A 879 -24.70 17.00 4.34
CA ARG A 879 -23.63 16.32 3.63
C ARG A 879 -22.47 17.26 3.34
N ARG A 880 -22.77 18.43 2.77
CA ARG A 880 -21.75 19.41 2.46
C ARG A 880 -20.97 19.81 3.69
N TYR A 881 -21.67 20.09 4.78
CA TYR A 881 -21.03 20.51 6.03
C TYR A 881 -20.22 19.38 6.63
N PHE A 882 -20.72 18.15 6.55
CA PHE A 882 -20.00 17.03 7.12
C PHE A 882 -18.73 16.70 6.35
N LEU A 883 -18.87 16.41 5.05
CA LEU A 883 -17.76 15.85 4.29
C LEU A 883 -16.58 16.79 4.20
N GLU A 884 -16.81 18.09 4.24
CA GLU A 884 -15.70 19.03 4.33
C GLU A 884 -14.81 18.74 5.53
N THR A 885 -15.36 18.16 6.59
CA THR A 885 -14.52 17.72 7.70
C THR A 885 -14.04 16.27 7.57
N SER A 886 -14.95 15.34 7.28
CA SER A 886 -14.59 13.93 7.37
C SER A 886 -13.50 13.57 6.39
N ARG A 887 -13.55 14.16 5.20
CA ARG A 887 -12.45 14.01 4.25
C ARG A 887 -11.11 14.31 4.89
N ASP A 888 -11.07 15.24 5.85
CA ASP A 888 -9.82 15.70 6.41
C ASP A 888 -9.37 14.89 7.61
N VAL A 889 -10.32 14.46 8.45
CA VAL A 889 -10.00 13.53 9.53
C VAL A 889 -9.45 12.23 9.00
N LYS A 890 -10.01 11.70 7.92
CA LYS A 890 -9.44 10.49 7.36
C LYS A 890 -8.03 10.71 6.84
N ARG A 891 -7.73 11.92 6.37
CA ARG A 891 -6.34 12.24 6.01
C ARG A 891 -5.43 12.24 7.24
N LEU A 892 -5.87 12.88 8.32
CA LEU A 892 -5.05 12.91 9.54
C LEU A 892 -4.90 11.54 10.16
N GLU A 893 -5.96 10.74 10.16
CA GLU A 893 -5.86 9.39 10.68
C GLU A 893 -4.86 8.56 9.87
N SER A 894 -5.03 8.52 8.54
CA SER A 894 -4.11 7.77 7.70
C SER A 894 -2.66 8.23 7.87
N THR A 895 -2.46 9.53 8.12
CA THR A 895 -1.10 10.04 8.28
C THR A 895 -0.50 9.58 9.60
N THR A 896 -1.21 9.82 10.69
CA THR A 896 -0.71 9.50 12.03
C THR A 896 -0.45 8.02 12.24
N ARG A 897 -0.83 7.16 11.29
CA ARG A 897 -0.44 5.76 11.38
C ARG A 897 1.05 5.56 11.14
N SER A 898 1.63 6.29 10.19
CA SER A 898 2.97 5.95 9.72
C SER A 898 4.08 6.08 10.76
N PRO A 899 4.02 6.95 11.76
CA PRO A 899 5.10 6.95 12.75
C PRO A 899 5.15 5.69 13.60
N VAL A 900 4.02 5.04 13.82
CA VAL A 900 4.02 3.83 14.64
C VAL A 900 4.91 2.75 14.04
N PHE A 901 4.67 2.40 12.77
CA PHE A 901 5.49 1.35 12.15
C PHE A 901 6.93 1.79 11.99
N SER A 902 7.15 3.05 11.64
CA SER A 902 8.51 3.57 11.55
C SER A 902 9.22 3.43 12.89
N HIS A 903 8.54 3.78 13.97
CA HIS A 903 9.19 3.68 15.27
C HIS A 903 9.50 2.25 15.65
N LEU A 904 8.59 1.33 15.44
CA LEU A 904 8.91 -0.07 15.69
C LEU A 904 10.05 -0.53 14.80
N SER A 905 10.02 -0.18 13.52
CA SER A 905 11.08 -0.60 12.63
C SER A 905 12.43 -0.04 13.09
N SER A 906 12.47 1.26 13.38
CA SER A 906 13.69 1.85 13.90
C SER A 906 14.09 1.19 15.22
N SER A 907 13.13 1.03 16.13
CA SER A 907 13.46 0.46 17.43
C SER A 907 13.86 -0.99 17.31
N LEU A 908 13.20 -1.75 16.44
CA LEU A 908 13.60 -3.12 16.21
C LEU A 908 14.93 -3.23 15.47
N GLN A 909 15.35 -2.19 14.78
CA GLN A 909 16.71 -2.20 14.26
C GLN A 909 17.76 -1.91 15.33
N GLY A 910 17.41 -1.16 16.37
CA GLY A 910 18.34 -0.71 17.39
C GLY A 910 18.45 -1.56 18.64
N LEU A 911 17.82 -2.74 18.66
CA LEU A 911 17.61 -3.49 19.89
C LEU A 911 18.81 -3.53 20.82
N TRP A 912 19.95 -3.98 20.30
CA TRP A 912 21.17 -4.06 21.09
C TRP A 912 21.42 -2.75 21.82
N THR A 913 21.42 -1.65 21.05
CA THR A 913 21.71 -0.35 21.62
C THR A 913 20.72 0.02 22.71
N ILE A 914 19.42 -0.20 22.46
CA ILE A 914 18.41 0.15 23.44
C ILE A 914 18.67 -0.58 24.74
N ARG A 915 18.90 -1.87 24.66
CA ARG A 915 19.17 -2.66 25.85
C ARG A 915 20.55 -2.41 26.39
N ALA A 916 21.47 -1.92 25.56
CA ALA A 916 22.75 -1.46 26.07
C ALA A 916 22.54 -0.33 27.06
N TYR A 917 21.81 0.70 26.66
CA TYR A 917 21.43 1.75 27.58
C TYR A 917 20.30 1.35 28.52
N LYS A 918 19.88 0.08 28.49
CA LYS A 918 18.75 -0.42 29.27
C LYS A 918 17.57 0.56 29.21
N ALA A 919 17.38 1.15 28.05
CA ALA A 919 16.53 2.32 27.83
C ALA A 919 15.08 1.95 27.49
N GLU A 920 14.71 0.69 27.62
CA GLU A 920 13.34 0.27 27.33
C GLU A 920 12.32 1.14 28.05
N GLU A 921 12.61 1.51 29.30
CA GLU A 921 11.68 2.32 30.07
C GLU A 921 11.31 3.60 29.36
N ARG A 922 12.22 4.20 28.59
CA ARG A 922 11.82 5.36 27.80
C ARG A 922 11.27 4.99 26.44
N CYS A 923 11.94 4.10 25.71
CA CYS A 923 11.54 3.88 24.33
C CYS A 923 10.14 3.31 24.25
N GLN A 924 9.74 2.55 25.27
CA GLN A 924 8.33 2.24 25.48
C GLN A 924 7.47 3.50 25.48
N GLU A 925 7.89 4.53 26.22
CA GLU A 925 7.11 5.75 26.27
C GLU A 925 7.05 6.46 24.93
N LEU A 926 8.09 6.36 24.12
CA LEU A 926 8.01 6.95 22.79
C LEU A 926 6.98 6.26 21.93
N PHE A 927 6.97 4.92 21.94
CA PHE A 927 5.94 4.19 21.21
C PHE A 927 4.54 4.54 21.70
N ASP A 928 4.34 4.58 23.01
CA ASP A 928 3.05 4.97 23.55
C ASP A 928 2.66 6.37 23.15
N ALA A 929 3.61 7.28 23.10
CA ALA A 929 3.30 8.62 22.63
C ALA A 929 2.81 8.56 21.19
N HIS A 930 3.49 7.81 20.33
CA HIS A 930 3.03 7.68 18.96
C HIS A 930 1.71 6.92 18.86
N GLN A 931 1.56 5.85 19.62
CA GLN A 931 0.35 5.05 19.51
C GLN A 931 -0.90 5.80 19.94
N ASP A 932 -0.85 6.49 21.07
CA ASP A 932 -2.00 7.28 21.48
C ASP A 932 -2.28 8.44 20.55
N LEU A 933 -1.26 9.08 20.01
CA LEU A 933 -1.53 10.12 19.03
C LEU A 933 -2.25 9.60 17.81
N HIS A 934 -1.98 8.36 17.40
CA HIS A 934 -2.84 7.77 16.38
C HIS A 934 -4.23 7.52 16.94
N SER A 935 -4.30 7.04 18.19
CA SER A 935 -5.59 6.78 18.80
C SER A 935 -6.43 8.04 18.95
N GLU A 936 -5.79 9.18 19.19
CA GLU A 936 -6.51 10.44 19.13
C GLU A 936 -7.20 10.64 17.78
N ALA A 937 -6.53 10.32 16.69
CA ALA A 937 -7.18 10.42 15.39
C ALA A 937 -8.24 9.34 15.21
N TRP A 938 -7.98 8.13 15.67
CA TRP A 938 -8.99 7.08 15.51
C TRP A 938 -10.25 7.39 16.31
N PHE A 939 -10.10 7.90 17.52
CA PHE A 939 -11.25 8.38 18.27
C PHE A 939 -12.05 9.41 17.48
N LEU A 940 -11.40 10.34 16.79
CA LEU A 940 -12.16 11.23 15.92
C LEU A 940 -12.84 10.47 14.80
N PHE A 941 -12.13 9.57 14.15
CA PHE A 941 -12.74 8.87 13.01
C PHE A 941 -14.03 8.16 13.40
N LEU A 942 -14.04 7.47 14.54
CA LEU A 942 -15.27 6.85 15.03
C LEU A 942 -16.35 7.88 15.30
N THR A 943 -16.10 8.81 16.20
CA THR A 943 -17.15 9.75 16.59
C THR A 943 -17.52 10.71 15.48
N THR A 944 -16.63 10.97 14.54
CA THR A 944 -17.05 11.82 13.43
C THR A 944 -18.18 11.17 12.65
N SER A 945 -18.00 9.92 12.26
CA SER A 945 -19.03 9.23 11.47
C SER A 945 -20.36 9.15 12.21
N ARG A 946 -20.33 8.93 13.52
CA ARG A 946 -21.58 8.87 14.26
C ARG A 946 -22.31 10.20 14.24
N TRP A 947 -21.61 11.29 14.48
CA TRP A 947 -22.31 12.58 14.47
C TRP A 947 -23.02 12.80 13.15
N PHE A 948 -22.45 12.28 12.07
CA PHE A 948 -23.16 12.29 10.81
C PHE A 948 -24.24 11.24 10.77
N ALA A 949 -23.89 9.99 11.09
CA ALA A 949 -24.86 8.91 10.98
C ALA A 949 -26.09 9.13 11.85
N VAL A 950 -25.91 9.67 13.06
CA VAL A 950 -27.08 9.91 13.91
C VAL A 950 -28.05 10.90 13.29
N ARG A 951 -27.57 11.82 12.47
CA ARG A 951 -28.53 12.74 11.87
C ARG A 951 -29.24 12.10 10.69
N LEU A 952 -28.53 11.34 9.87
CA LEU A 952 -29.21 10.61 8.81
C LEU A 952 -30.29 9.72 9.37
N ASP A 953 -30.02 9.05 10.47
CA ASP A 953 -31.09 8.32 11.13
C ASP A 953 -32.05 9.26 11.85
N ALA A 954 -31.63 10.47 12.19
CA ALA A 954 -32.61 11.41 12.73
C ALA A 954 -33.65 11.80 11.70
N ILE A 955 -33.22 12.31 10.56
CA ILE A 955 -34.15 12.69 9.52
C ILE A 955 -34.88 11.48 8.94
N CYS A 956 -34.22 10.32 8.90
CA CYS A 956 -34.93 9.09 8.61
C CYS A 956 -35.95 8.74 9.70
N ALA A 957 -35.62 8.93 10.97
CA ALA A 957 -36.62 8.73 12.01
C ALA A 957 -37.77 9.70 11.87
N MET A 958 -37.49 10.93 11.48
CA MET A 958 -38.57 11.89 11.24
C MET A 958 -39.49 11.45 10.12
N PHE A 959 -38.94 10.84 9.08
CA PHE A 959 -39.78 10.35 8.00
C PHE A 959 -40.81 9.33 8.47
N VAL A 960 -40.40 8.34 9.25
CA VAL A 960 -41.36 7.32 9.69
C VAL A 960 -42.48 7.96 10.48
N ILE A 961 -42.15 8.93 11.33
CA ILE A 961 -43.20 9.66 12.02
C ILE A 961 -44.17 10.25 11.02
N ILE A 962 -43.65 10.89 9.98
CA ILE A 962 -44.52 11.55 9.02
C ILE A 962 -45.50 10.58 8.40
N VAL A 963 -45.02 9.42 7.97
CA VAL A 963 -45.91 8.43 7.39
C VAL A 963 -46.87 7.89 8.43
N ALA A 964 -46.38 7.58 9.62
CA ALA A 964 -47.25 6.93 10.60
C ALA A 964 -48.36 7.86 11.05
N PHE A 965 -48.01 9.02 11.60
CA PHE A 965 -49.07 9.93 12.00
C PHE A 965 -49.75 10.57 10.81
N GLY A 966 -49.01 10.79 9.73
CA GLY A 966 -49.65 11.29 8.52
C GLY A 966 -50.74 10.38 8.03
N SER A 967 -50.49 9.07 8.08
CA SER A 967 -51.51 8.10 7.72
C SER A 967 -52.73 8.21 8.61
N LEU A 968 -52.53 8.33 9.92
CA LEU A 968 -53.66 8.42 10.82
C LEU A 968 -54.39 9.75 10.71
N ILE A 969 -53.70 10.83 10.37
CA ILE A 969 -54.41 12.09 10.17
C ILE A 969 -55.37 11.99 9.00
N LEU A 970 -54.97 11.31 7.94
CA LEU A 970 -55.78 11.23 6.72
C LEU A 970 -56.66 10.00 6.70
N ALA A 971 -57.05 9.50 7.87
CA ALA A 971 -57.74 8.22 7.99
C ALA A 971 -59.06 8.17 7.20
N LYS A 972 -59.72 9.30 6.99
CA LYS A 972 -60.92 9.27 6.16
C LYS A 972 -60.61 8.88 4.72
N THR A 973 -59.42 9.18 4.22
CA THR A 973 -59.16 9.01 2.79
C THR A 973 -58.38 7.75 2.46
N LEU A 974 -57.42 7.36 3.29
CA LEU A 974 -56.58 6.21 3.03
C LEU A 974 -57.38 4.92 3.16
N ASP A 975 -56.77 3.83 2.68
CA ASP A 975 -57.38 2.52 2.83
C ASP A 975 -56.29 1.49 3.13
N ALA A 976 -56.71 0.43 3.82
CA ALA A 976 -55.79 -0.35 4.65
C ALA A 976 -54.61 -0.87 3.88
N GLY A 977 -54.84 -1.37 2.68
CA GLY A 977 -53.72 -1.86 1.88
C GLY A 977 -52.70 -0.78 1.59
N GLN A 978 -53.16 0.39 1.17
CA GLN A 978 -52.20 1.43 0.80
C GLN A 978 -51.39 1.89 2.01
N VAL A 979 -52.02 1.99 3.18
CA VAL A 979 -51.28 2.32 4.38
C VAL A 979 -50.25 1.24 4.70
N GLY A 980 -50.67 -0.01 4.63
CA GLY A 980 -49.76 -1.10 4.93
C GLY A 980 -48.57 -1.13 3.99
N LEU A 981 -48.78 -0.77 2.73
CA LEU A 981 -47.66 -0.56 1.83
C LEU A 981 -46.75 0.54 2.33
N ALA A 982 -47.31 1.72 2.57
CA ALA A 982 -46.51 2.87 2.97
C ALA A 982 -45.71 2.58 4.24
N LEU A 983 -46.34 2.01 5.25
CA LEU A 983 -45.63 1.78 6.50
C LEU A 983 -44.63 0.64 6.44
N SER A 984 -44.92 -0.43 5.71
CA SER A 984 -43.89 -1.46 5.55
C SER A 984 -42.66 -0.94 4.83
N TYR A 985 -42.83 -0.04 3.88
CA TYR A 985 -41.68 0.64 3.28
C TYR A 985 -41.03 1.62 4.24
N ALA A 986 -41.82 2.38 4.97
CA ALA A 986 -41.25 3.41 5.83
C ALA A 986 -40.28 2.83 6.84
N LEU A 987 -40.64 1.70 7.45
CA LEU A 987 -39.72 1.08 8.38
C LEU A 987 -38.44 0.63 7.69
N THR A 988 -38.53 0.22 6.44
CA THR A 988 -37.37 -0.32 5.75
C THR A 988 -36.33 0.76 5.47
N LEU A 989 -36.75 2.03 5.39
CA LEU A 989 -35.79 3.10 5.14
C LEU A 989 -34.67 3.13 6.16
N MET A 990 -34.94 2.75 7.40
CA MET A 990 -34.02 3.01 8.49
C MET A 990 -32.61 2.51 8.20
N GLY A 991 -32.49 1.24 7.84
CA GLY A 991 -31.18 0.68 7.54
C GLY A 991 -30.60 1.13 6.21
N MET A 992 -31.39 1.04 5.14
CA MET A 992 -30.79 1.23 3.82
C MET A 992 -30.30 2.65 3.59
N PHE A 993 -30.95 3.64 4.16
CA PHE A 993 -30.61 5.02 3.84
C PHE A 993 -29.22 5.38 4.34
N GLN A 994 -28.86 4.89 5.52
CA GLN A 994 -27.50 5.12 6.01
C GLN A 994 -26.46 4.49 5.10
N TRP A 995 -26.71 3.25 4.69
CA TRP A 995 -25.78 2.57 3.79
C TRP A 995 -25.65 3.29 2.47
N CYS A 996 -26.75 3.81 1.94
CA CYS A 996 -26.69 4.55 0.69
C CYS A 996 -25.67 5.68 0.75
N VAL A 997 -25.70 6.50 1.80
CA VAL A 997 -24.77 7.63 1.85
C VAL A 997 -23.34 7.21 2.19
N ARG A 998 -23.14 6.15 2.95
CA ARG A 998 -21.79 5.62 3.13
C ARG A 998 -21.15 5.25 1.80
N GLN A 999 -21.88 4.54 0.94
CA GLN A 999 -21.34 4.23 -0.38
C GLN A 999 -21.20 5.48 -1.24
N SER A 1000 -22.07 6.46 -1.09
CA SER A 1000 -21.88 7.72 -1.77
C SER A 1000 -20.55 8.36 -1.44
N ALA A 1001 -20.21 8.44 -0.16
CA ALA A 1001 -18.92 8.99 0.22
C ALA A 1001 -17.77 8.16 -0.31
N GLU A 1002 -17.88 6.84 -0.22
CA GLU A 1002 -16.81 5.96 -0.67
C GLU A 1002 -16.62 6.00 -2.19
N VAL A 1003 -17.69 6.04 -2.96
CA VAL A 1003 -17.54 6.20 -4.41
C VAL A 1003 -16.88 7.53 -4.76
N GLU A 1004 -17.35 8.62 -4.18
CA GLU A 1004 -16.77 9.92 -4.45
C GLU A 1004 -15.28 9.93 -4.17
N ASN A 1005 -14.85 9.31 -3.07
CA ASN A 1005 -13.43 9.20 -2.80
C ASN A 1005 -12.74 8.31 -3.81
N MET A 1006 -13.30 7.14 -4.06
CA MET A 1006 -12.63 6.19 -4.95
C MET A 1006 -12.59 6.69 -6.38
N MET A 1007 -13.60 7.46 -6.79
CA MET A 1007 -13.64 7.97 -8.16
C MET A 1007 -12.42 8.79 -8.53
N ILE A 1008 -11.72 9.37 -7.56
CA ILE A 1008 -10.50 10.12 -7.87
C ILE A 1008 -9.49 9.25 -8.60
N SER A 1009 -9.49 7.95 -8.33
CA SER A 1009 -8.64 7.05 -9.09
C SER A 1009 -8.92 7.12 -10.57
N VAL A 1010 -10.17 7.35 -10.97
CA VAL A 1010 -10.46 7.52 -12.38
C VAL A 1010 -9.90 8.82 -12.93
N GLU A 1011 -9.93 9.90 -12.15
CA GLU A 1011 -9.35 11.13 -12.65
C GLU A 1011 -7.87 10.98 -12.95
N ARG A 1012 -7.11 10.35 -12.06
CA ARG A 1012 -5.69 10.16 -12.31
C ARG A 1012 -5.44 9.31 -13.56
N VAL A 1013 -6.21 8.26 -13.75
CA VAL A 1013 -6.03 7.42 -14.94
C VAL A 1013 -6.30 8.20 -16.21
N ILE A 1014 -7.34 9.02 -16.23
CA ILE A 1014 -7.63 9.75 -17.45
C ILE A 1014 -6.55 10.78 -17.74
N GLU A 1015 -6.00 11.41 -16.70
CA GLU A 1015 -4.90 12.35 -16.92
C GLU A 1015 -3.70 11.70 -17.58
N TYR A 1016 -3.61 10.38 -17.54
CA TYR A 1016 -2.60 9.72 -18.35
C TYR A 1016 -3.06 9.42 -19.77
N THR A 1017 -4.35 9.47 -20.05
CA THR A 1017 -4.81 9.06 -21.37
C THR A 1017 -4.44 10.07 -22.46
N ASP A 1018 -3.98 11.27 -22.10
CA ASP A 1018 -3.77 12.30 -23.10
C ASP A 1018 -2.39 12.91 -23.04
N LEU A 1019 -1.39 12.19 -22.52
CA LEU A 1019 -0.04 12.72 -22.47
C LEU A 1019 0.47 13.04 -23.86
N GLU A 1020 1.23 14.15 -23.96
CA GLU A 1020 1.80 14.54 -25.24
C GLU A 1020 2.65 13.41 -25.82
N LYS A 1021 2.28 12.97 -27.00
CA LYS A 1021 3.00 11.88 -27.62
C LYS A 1021 4.23 12.39 -28.36
N GLU A 1022 5.19 11.49 -28.56
CA GLU A 1022 6.15 11.65 -29.63
C GLU A 1022 5.44 11.71 -30.98
N ALA A 1023 6.19 12.09 -32.00
CA ALA A 1023 5.76 11.90 -33.37
C ALA A 1023 5.47 10.42 -33.66
N PRO A 1024 4.75 10.13 -34.74
CA PRO A 1024 4.40 8.74 -35.04
C PRO A 1024 5.61 7.85 -35.22
N TRP A 1025 5.46 6.60 -34.82
CA TRP A 1025 6.50 5.59 -35.02
C TRP A 1025 6.75 5.36 -36.50
N GLU A 1026 5.68 5.18 -37.25
CA GLU A 1026 5.71 5.05 -38.70
C GLU A 1026 5.08 6.29 -39.30
N TYR A 1027 5.73 6.85 -40.31
CA TYR A 1027 5.41 8.18 -40.81
C TYR A 1027 5.41 8.16 -42.32
N GLN A 1028 4.89 9.25 -42.89
CA GLN A 1028 4.98 9.51 -44.31
C GLN A 1028 6.45 9.57 -44.75
N LYS A 1029 6.66 9.39 -46.05
CA LYS A 1029 8.00 9.43 -46.63
C LYS A 1029 8.94 8.42 -45.98
N ARG A 1030 8.47 7.18 -45.90
CA ARG A 1030 9.28 6.09 -45.36
C ARG A 1030 10.64 6.06 -46.04
N PRO A 1031 11.72 5.87 -45.30
CA PRO A 1031 13.02 5.67 -45.91
C PRO A 1031 12.99 4.50 -46.88
N PRO A 1032 13.78 4.58 -47.95
CA PRO A 1032 13.76 3.53 -48.97
C PRO A 1032 14.13 2.18 -48.39
N PRO A 1033 13.80 1.09 -49.09
CA PRO A 1033 13.81 -0.24 -48.46
C PRO A 1033 15.14 -0.67 -47.87
N ALA A 1034 16.25 -0.05 -48.27
CA ALA A 1034 17.54 -0.36 -47.65
C ALA A 1034 18.29 0.91 -47.35
N TRP A 1035 17.57 1.93 -46.87
CA TRP A 1035 18.12 3.28 -46.74
C TRP A 1035 19.48 3.33 -46.03
N PRO A 1036 19.68 2.71 -44.85
CA PRO A 1036 21.04 2.72 -44.28
C PRO A 1036 21.95 1.83 -45.10
N HIS A 1037 22.64 2.43 -46.05
CA HIS A 1037 23.52 1.72 -46.96
C HIS A 1037 24.90 2.35 -47.04
N GLU A 1038 25.16 3.40 -46.27
CA GLU A 1038 26.45 4.08 -46.22
C GLU A 1038 26.89 4.45 -44.81
N GLY A 1039 25.98 4.75 -43.90
CA GLY A 1039 26.37 5.19 -42.59
C GLY A 1039 26.95 6.58 -42.58
N VAL A 1040 26.50 7.45 -43.49
CA VAL A 1040 26.96 8.83 -43.53
C VAL A 1040 26.08 9.63 -42.58
N ILE A 1041 26.70 10.46 -41.74
CA ILE A 1041 25.95 11.32 -40.83
C ILE A 1041 26.48 12.74 -40.94
N ILE A 1042 25.56 13.70 -41.07
CA ILE A 1042 25.86 15.12 -40.93
C ILE A 1042 25.17 15.63 -39.67
N PHE A 1043 25.92 16.33 -38.84
CA PHE A 1043 25.37 17.20 -37.81
C PHE A 1043 25.59 18.64 -38.24
N ASP A 1044 24.51 19.41 -38.30
CA ASP A 1044 24.59 20.82 -38.69
C ASP A 1044 23.96 21.67 -37.61
N ASN A 1045 24.79 22.50 -36.97
CA ASN A 1045 24.34 23.47 -35.96
C ASN A 1045 23.40 22.81 -34.95
N VAL A 1046 23.73 21.58 -34.56
CA VAL A 1046 22.81 20.77 -33.78
C VAL A 1046 22.69 21.30 -32.36
N ASN A 1047 21.45 21.47 -31.91
CA ASN A 1047 21.16 22.01 -30.58
C ASN A 1047 20.10 21.14 -29.93
N PHE A 1048 20.32 20.80 -28.66
CA PHE A 1048 19.52 19.77 -28.01
C PHE A 1048 19.39 20.06 -26.51
N MET A 1049 18.25 19.69 -25.97
CA MET A 1049 17.90 19.97 -24.57
C MET A 1049 17.06 18.83 -24.03
N TYR A 1050 17.18 18.59 -22.72
CA TYR A 1050 16.29 17.66 -22.04
C TYR A 1050 14.96 18.28 -21.64
N SER A 1051 14.74 19.57 -21.86
CA SER A 1051 13.41 20.14 -21.69
C SER A 1051 13.27 21.30 -22.64
N PRO A 1052 12.05 21.60 -23.08
CA PRO A 1052 11.84 22.78 -23.92
C PRO A 1052 12.19 24.06 -23.17
N GLY A 1053 13.03 24.89 -23.78
CA GLY A 1053 13.57 26.06 -23.12
C GLY A 1053 14.58 25.77 -22.03
N GLY A 1054 15.02 24.52 -21.91
CA GLY A 1054 16.03 24.18 -20.95
C GLY A 1054 17.40 24.68 -21.36
N PRO A 1055 18.41 24.33 -20.57
CA PRO A 1055 19.79 24.63 -20.97
C PRO A 1055 20.15 23.84 -22.22
N LEU A 1056 20.85 24.51 -23.14
CA LEU A 1056 21.33 23.84 -24.33
C LEU A 1056 22.56 22.99 -23.97
N VAL A 1057 22.35 21.69 -23.92
CA VAL A 1057 23.42 20.76 -23.59
C VAL A 1057 24.22 20.42 -24.84
N LEU A 1058 23.61 20.52 -26.03
CA LEU A 1058 24.37 20.71 -27.26
C LEU A 1058 24.17 22.12 -27.76
N LYS A 1059 25.26 22.78 -28.11
CA LYS A 1059 25.26 24.10 -28.70
C LYS A 1059 25.90 24.05 -30.08
N HIS A 1060 25.11 24.36 -31.10
CA HIS A 1060 25.59 24.53 -32.46
C HIS A 1060 26.40 23.35 -32.99
N LEU A 1061 26.28 22.19 -32.38
CA LEU A 1061 27.17 21.07 -32.67
C LEU A 1061 27.10 20.74 -34.15
N THR A 1062 28.26 20.77 -34.81
CA THR A 1062 28.33 20.59 -36.25
C THR A 1062 29.48 19.64 -36.57
N ALA A 1063 29.20 18.58 -37.31
CA ALA A 1063 30.24 17.61 -37.63
C ALA A 1063 29.85 16.80 -38.85
N LEU A 1064 30.87 16.30 -39.53
CA LEU A 1064 30.75 15.23 -40.51
C LEU A 1064 31.29 13.94 -39.94
N ILE A 1065 30.55 12.85 -40.10
CA ILE A 1065 31.07 11.50 -39.90
C ILE A 1065 31.01 10.75 -41.21
N LYS A 1066 32.17 10.35 -41.71
CA LYS A 1066 32.27 9.70 -43.01
C LYS A 1066 31.89 8.22 -42.91
N SER A 1067 31.70 7.61 -44.09
CA SER A 1067 31.24 6.23 -44.16
C SER A 1067 32.22 5.28 -43.50
N GLN A 1068 31.68 4.38 -42.67
CA GLN A 1068 32.44 3.39 -41.90
C GLN A 1068 33.51 4.01 -41.04
N GLU A 1069 33.43 5.31 -40.81
CA GLU A 1069 34.41 5.95 -39.95
C GLU A 1069 34.20 5.46 -38.53
N LYS A 1070 35.27 5.39 -37.78
CA LYS A 1070 35.19 5.04 -36.37
C LYS A 1070 35.48 6.31 -35.60
N VAL A 1071 34.48 6.83 -34.91
CA VAL A 1071 34.61 8.08 -34.19
C VAL A 1071 34.55 7.81 -32.70
N GLY A 1072 35.69 7.91 -32.04
CA GLY A 1072 35.71 7.93 -30.61
C GLY A 1072 35.26 9.28 -30.09
N ILE A 1073 34.64 9.28 -28.92
CA ILE A 1073 34.23 10.51 -28.27
C ILE A 1073 34.54 10.40 -26.80
N VAL A 1074 35.05 11.47 -26.21
CA VAL A 1074 35.37 11.51 -24.80
C VAL A 1074 35.19 12.94 -24.33
N GLY A 1075 35.15 13.13 -23.02
CA GLY A 1075 35.01 14.44 -22.44
C GLY A 1075 35.23 14.36 -20.95
N ARG A 1076 35.05 15.50 -20.29
CA ARG A 1076 34.98 15.50 -18.84
C ARG A 1076 33.82 14.64 -18.36
N THR A 1077 34.00 14.02 -17.20
CA THR A 1077 32.95 13.24 -16.56
C THR A 1077 31.68 14.06 -16.37
N GLY A 1078 30.56 13.51 -16.85
CA GLY A 1078 29.30 14.20 -16.74
C GLY A 1078 29.08 15.32 -17.72
N ALA A 1079 30.06 15.64 -18.57
CA ALA A 1079 29.90 16.71 -19.54
C ALA A 1079 29.49 16.12 -20.88
N GLY A 1080 28.43 16.68 -21.45
CA GLY A 1080 27.82 16.15 -22.65
C GLY A 1080 27.14 14.82 -22.42
N LYS A 1081 27.92 13.82 -22.02
CA LYS A 1081 27.44 12.47 -21.80
C LYS A 1081 26.67 11.93 -23.00
N SER A 1082 25.64 11.13 -22.72
CA SER A 1082 24.82 10.51 -23.75
C SER A 1082 24.00 11.49 -24.57
N SER A 1083 24.06 12.79 -24.30
CA SER A 1083 23.10 13.72 -24.90
C SER A 1083 23.16 13.67 -26.42
N LEU A 1084 24.34 13.51 -26.99
CA LEU A 1084 24.44 13.36 -28.43
C LEU A 1084 23.75 12.11 -28.92
N ILE A 1085 23.79 11.04 -28.13
CA ILE A 1085 23.06 9.83 -28.47
C ILE A 1085 21.55 10.06 -28.43
N SER A 1086 21.06 10.64 -27.34
CA SER A 1086 19.64 10.92 -27.23
C SER A 1086 19.17 11.89 -28.31
N ALA A 1087 20.04 12.81 -28.72
CA ALA A 1087 19.72 13.62 -29.89
C ALA A 1087 19.63 12.76 -31.14
N LEU A 1088 20.56 11.84 -31.31
CA LEU A 1088 20.56 11.00 -32.50
C LEU A 1088 19.31 10.12 -32.57
N PHE A 1089 18.78 9.70 -31.43
CA PHE A 1089 17.49 9.03 -31.39
C PHE A 1089 16.29 9.96 -31.30
N ARG A 1090 16.52 11.27 -31.41
CA ARG A 1090 15.44 12.26 -31.34
C ARG A 1090 14.62 12.16 -30.06
N LEU A 1091 15.17 11.55 -29.00
CA LEU A 1091 14.39 11.38 -27.78
C LEU A 1091 13.92 12.71 -27.23
N SER A 1092 14.65 13.76 -27.53
CA SER A 1092 14.12 15.12 -27.63
C SER A 1092 14.44 15.64 -29.02
N GLU A 1093 13.54 16.44 -29.58
CA GLU A 1093 13.77 16.91 -30.94
C GLU A 1093 14.93 17.90 -30.94
N PRO A 1094 15.97 17.67 -31.73
CA PRO A 1094 17.07 18.61 -31.83
C PRO A 1094 16.72 19.83 -32.67
N GLU A 1095 17.29 20.96 -32.27
CA GLU A 1095 17.51 22.04 -33.21
C GLU A 1095 18.82 21.85 -33.97
N GLY A 1096 18.97 22.64 -35.03
CA GLY A 1096 19.87 22.29 -36.11
C GLY A 1096 19.28 21.19 -36.97
N LYS A 1097 20.15 20.52 -37.72
CA LYS A 1097 19.75 19.42 -38.57
C LYS A 1097 20.71 18.26 -38.40
N ILE A 1098 20.17 17.04 -38.46
CA ILE A 1098 20.95 15.82 -38.54
C ILE A 1098 20.50 15.05 -39.77
N TRP A 1099 21.43 14.77 -40.67
CA TRP A 1099 21.15 14.02 -41.88
C TRP A 1099 21.83 12.68 -41.80
N ILE A 1100 21.09 11.60 -42.06
CA ILE A 1100 21.64 10.25 -42.11
C ILE A 1100 21.32 9.69 -43.47
N ASP A 1101 22.36 9.30 -44.19
CA ASP A 1101 22.23 8.78 -45.55
C ASP A 1101 21.24 9.62 -46.34
N LYS A 1102 21.60 10.90 -46.48
CA LYS A 1102 20.87 11.95 -47.19
C LYS A 1102 19.47 12.20 -46.64
N ILE A 1103 19.08 11.59 -45.53
CA ILE A 1103 17.75 11.77 -44.96
C ILE A 1103 17.85 12.63 -43.70
N LEU A 1104 17.08 13.71 -43.67
CA LEU A 1104 16.88 14.53 -42.47
C LEU A 1104 16.12 13.74 -41.42
N THR A 1105 16.78 13.47 -40.28
CA THR A 1105 16.19 12.62 -39.24
C THR A 1105 14.85 13.14 -38.74
N THR A 1106 14.62 14.44 -38.79
CA THR A 1106 13.37 15.03 -38.34
C THR A 1106 12.23 14.90 -39.34
N GLU A 1107 12.37 14.09 -40.38
CA GLU A 1107 11.34 13.95 -41.38
C GLU A 1107 11.00 12.49 -41.64
N ILE A 1108 11.28 11.61 -40.67
CA ILE A 1108 10.98 10.20 -40.77
C ILE A 1108 10.39 9.68 -39.48
N GLY A 1109 9.72 8.54 -39.57
CA GLY A 1109 9.08 7.96 -38.40
C GLY A 1109 10.10 7.43 -37.42
N LEU A 1110 9.75 7.53 -36.14
CA LEU A 1110 10.72 7.19 -35.11
C LEU A 1110 11.07 5.71 -35.10
N HIS A 1111 10.20 4.84 -35.59
CA HIS A 1111 10.63 3.48 -35.84
C HIS A 1111 11.45 3.35 -37.11
N ASP A 1112 11.14 4.14 -38.14
CA ASP A 1112 11.97 4.15 -39.34
C ASP A 1112 13.41 4.50 -39.01
N LEU A 1113 13.61 5.41 -38.07
CA LEU A 1113 14.92 5.68 -37.52
C LEU A 1113 15.43 4.58 -36.60
N ARG A 1114 14.76 4.39 -35.47
CA ARG A 1114 15.34 3.64 -34.36
C ARG A 1114 15.52 2.17 -34.70
N LYS A 1115 14.71 1.63 -35.59
CA LYS A 1115 14.95 0.26 -36.02
C LYS A 1115 16.28 0.13 -36.73
N LYS A 1116 16.70 1.18 -37.44
CA LYS A 1116 17.79 1.09 -38.40
C LYS A 1116 19.14 1.50 -37.82
N MET A 1117 19.23 1.78 -36.53
CA MET A 1117 20.51 2.01 -35.88
C MET A 1117 20.58 1.24 -34.57
N SER A 1118 21.69 0.54 -34.37
CA SER A 1118 21.92 -0.20 -33.15
C SER A 1118 22.45 0.72 -32.06
N ILE A 1119 22.22 0.32 -30.81
CA ILE A 1119 22.92 0.90 -29.68
C ILE A 1119 23.33 -0.20 -28.73
N ILE A 1120 24.46 -0.01 -28.07
CA ILE A 1120 24.88 -0.79 -26.90
C ILE A 1120 24.86 0.15 -25.70
N PRO A 1121 23.99 -0.07 -24.74
CA PRO A 1121 23.71 0.97 -23.74
C PRO A 1121 24.69 1.01 -22.59
N GLN A 1122 24.62 2.14 -21.87
CA GLN A 1122 25.44 2.36 -20.68
C GLN A 1122 25.25 1.26 -19.65
N GLU A 1123 24.01 0.84 -19.43
CA GLU A 1123 23.68 -0.32 -18.64
C GLU A 1123 22.98 -1.35 -19.50
N PRO A 1124 23.50 -2.57 -19.61
CA PRO A 1124 22.80 -3.60 -20.37
C PRO A 1124 21.51 -3.98 -19.68
N VAL A 1125 20.54 -4.41 -20.48
CA VAL A 1125 19.22 -4.77 -19.96
C VAL A 1125 18.79 -6.12 -20.53
N LEU A 1126 18.30 -6.99 -19.65
CA LEU A 1126 17.56 -8.19 -19.99
C LEU A 1126 16.12 -8.08 -19.53
N PHE A 1127 15.23 -8.71 -20.27
CA PHE A 1127 13.81 -8.68 -19.98
C PHE A 1127 13.37 -10.06 -19.50
N THR A 1128 12.49 -10.07 -18.50
CA THR A 1128 11.95 -11.33 -18.01
C THR A 1128 11.20 -12.03 -19.12
N GLY A 1129 11.78 -13.10 -19.64
CA GLY A 1129 11.36 -13.67 -20.90
C GLY A 1129 12.45 -14.61 -21.40
N THR A 1130 12.17 -15.20 -22.55
CA THR A 1130 13.12 -16.18 -23.07
C THR A 1130 14.41 -15.47 -23.48
N MET A 1131 15.48 -16.25 -23.50
CA MET A 1131 16.69 -15.79 -24.18
C MET A 1131 16.41 -15.46 -25.63
N ARG A 1132 15.48 -16.18 -26.27
CA ARG A 1132 15.13 -15.88 -27.64
C ARG A 1132 14.47 -14.50 -27.76
N LYS A 1133 13.52 -14.19 -26.88
CA LYS A 1133 12.90 -12.86 -26.91
C LYS A 1133 13.90 -11.75 -26.59
N ASN A 1134 14.75 -11.99 -25.59
CA ASN A 1134 15.76 -11.01 -25.23
C ASN A 1134 16.74 -10.77 -26.37
N LEU A 1135 16.86 -11.72 -27.29
CA LEU A 1135 17.68 -11.57 -28.47
C LEU A 1135 16.88 -11.13 -29.68
N ASP A 1136 15.67 -11.66 -29.85
CA ASP A 1136 14.83 -11.30 -30.99
C ASP A 1136 13.38 -11.54 -30.64
N PRO A 1137 12.66 -10.51 -30.20
CA PRO A 1137 11.26 -10.69 -29.85
C PRO A 1137 10.39 -10.91 -31.06
N PHE A 1138 10.87 -10.52 -32.24
CA PHE A 1138 10.15 -10.70 -33.48
C PHE A 1138 10.48 -12.01 -34.16
N ASN A 1139 11.46 -12.75 -33.64
CA ASN A 1139 11.80 -14.08 -34.13
C ASN A 1139 12.02 -14.07 -35.64
N GLU A 1140 12.63 -13.00 -36.12
CA GLU A 1140 12.96 -12.90 -37.53
C GLU A 1140 14.33 -13.48 -37.85
N HIS A 1141 15.22 -13.56 -36.86
CA HIS A 1141 16.49 -14.24 -37.01
C HIS A 1141 16.34 -15.74 -36.80
N THR A 1142 17.18 -16.50 -37.50
CA THR A 1142 17.23 -17.94 -37.29
C THR A 1142 17.87 -18.31 -35.94
N ASP A 1143 17.48 -19.48 -35.43
CA ASP A 1143 18.18 -20.09 -34.31
C ASP A 1143 19.67 -20.23 -34.60
N GLU A 1144 20.02 -20.52 -35.85
CA GLU A 1144 21.43 -20.58 -36.23
C GLU A 1144 22.09 -19.23 -35.99
N GLU A 1145 21.44 -18.16 -36.38
CA GLU A 1145 21.96 -16.82 -36.13
C GLU A 1145 21.96 -16.52 -34.64
N LEU A 1146 20.91 -16.94 -33.94
CA LEU A 1146 20.86 -16.82 -32.50
C LEU A 1146 21.94 -17.66 -31.83
N TRP A 1147 22.18 -18.86 -32.33
CA TRP A 1147 23.29 -19.67 -31.83
C TRP A 1147 24.65 -19.09 -32.23
N ASN A 1148 24.78 -18.62 -33.47
CA ASN A 1148 26.02 -17.96 -33.86
C ASN A 1148 26.34 -16.79 -32.95
N ALA A 1149 25.34 -15.93 -32.69
CA ALA A 1149 25.56 -14.80 -31.81
C ALA A 1149 26.00 -15.25 -30.43
N LEU A 1150 25.32 -16.25 -29.86
CA LEU A 1150 25.77 -16.76 -28.57
C LEU A 1150 27.11 -17.47 -28.68
N GLN A 1151 27.48 -17.88 -29.89
CA GLN A 1151 28.78 -18.46 -30.16
C GLN A 1151 29.81 -17.41 -30.53
N GLU A 1152 29.34 -16.24 -31.00
CA GLU A 1152 30.24 -15.11 -31.13
C GLU A 1152 30.75 -14.65 -29.77
N VAL A 1153 29.87 -14.59 -28.78
CA VAL A 1153 30.32 -14.51 -27.40
C VAL A 1153 30.66 -15.91 -26.88
N GLN A 1154 31.20 -15.97 -25.67
CA GLN A 1154 31.54 -17.24 -25.04
C GLN A 1154 30.31 -18.06 -24.68
N LEU A 1155 29.13 -17.43 -24.64
CA LEU A 1155 28.04 -17.87 -23.77
C LEU A 1155 27.18 -18.99 -24.35
N LYS A 1156 27.30 -19.30 -25.64
CA LYS A 1156 26.48 -20.35 -26.24
C LYS A 1156 26.52 -21.64 -25.41
N GLU A 1157 27.73 -22.11 -25.12
CA GLU A 1157 27.92 -23.32 -24.34
C GLU A 1157 27.74 -23.08 -22.85
N THR A 1158 27.12 -21.96 -22.51
CA THR A 1158 26.63 -21.70 -21.17
C THR A 1158 25.12 -21.52 -21.17
N ILE A 1159 24.49 -21.62 -22.34
CA ILE A 1159 23.06 -21.40 -22.50
C ILE A 1159 22.38 -22.61 -23.14
N GLU A 1160 23.05 -23.25 -24.09
CA GLU A 1160 22.52 -24.47 -24.69
C GLU A 1160 22.47 -25.62 -23.69
N ASP A 1161 23.19 -25.53 -22.59
CA ASP A 1161 23.07 -26.48 -21.49
C ASP A 1161 21.99 -26.08 -20.49
N LEU A 1162 21.45 -24.87 -20.59
CA LEU A 1162 20.28 -24.52 -19.81
C LEU A 1162 19.05 -25.25 -20.36
N PRO A 1163 18.12 -25.66 -19.51
CA PRO A 1163 17.10 -26.62 -19.92
C PRO A 1163 16.22 -26.16 -21.07
N GLY A 1164 15.91 -24.87 -21.15
CA GLY A 1164 15.13 -24.40 -22.28
C GLY A 1164 15.93 -24.02 -23.50
N LYS A 1165 17.25 -24.14 -23.43
CA LYS A 1165 18.19 -23.64 -24.44
C LYS A 1165 17.88 -22.18 -24.75
N MET A 1166 17.71 -21.80 -26.02
CA MET A 1166 17.28 -20.46 -26.38
C MET A 1166 15.97 -20.06 -25.72
N ASP A 1167 15.11 -21.02 -25.39
CA ASP A 1167 13.85 -20.68 -24.76
C ASP A 1167 13.91 -20.59 -23.24
N THR A 1168 15.09 -20.71 -22.64
CA THR A 1168 15.18 -20.51 -21.21
C THR A 1168 14.74 -19.11 -20.84
N GLU A 1169 13.68 -19.01 -20.05
CA GLU A 1169 13.36 -17.76 -19.38
C GLU A 1169 14.12 -17.67 -18.06
N LEU A 1170 14.51 -16.45 -17.71
CA LEU A 1170 15.55 -16.22 -16.71
C LEU A 1170 14.95 -15.91 -15.34
N ALA A 1171 15.81 -15.99 -14.33
CA ALA A 1171 15.53 -15.42 -13.02
C ALA A 1171 15.41 -13.90 -13.11
N GLU A 1172 14.93 -13.30 -12.02
CA GLU A 1172 14.75 -11.86 -11.95
C GLU A 1172 16.00 -11.11 -12.36
N SER A 1173 15.84 -10.19 -13.31
CA SER A 1173 16.91 -9.39 -13.90
C SER A 1173 18.04 -10.24 -14.49
N GLY A 1174 17.81 -11.53 -14.71
CA GLY A 1174 18.90 -12.37 -15.18
C GLY A 1174 20.03 -12.54 -14.19
N SER A 1175 19.71 -12.80 -12.91
CA SER A 1175 20.77 -12.82 -11.90
C SER A 1175 21.77 -13.94 -12.13
N ASN A 1176 21.36 -14.99 -12.84
CA ASN A 1176 22.25 -16.06 -13.25
C ASN A 1176 23.24 -15.63 -14.31
N PHE A 1177 23.21 -14.39 -14.78
CA PHE A 1177 24.19 -13.87 -15.72
C PHE A 1177 24.94 -12.69 -15.13
N SER A 1178 26.24 -12.64 -15.40
CA SER A 1178 27.06 -11.52 -14.97
C SER A 1178 26.82 -10.30 -15.85
N VAL A 1179 27.20 -9.13 -15.33
CA VAL A 1179 26.93 -7.86 -15.99
C VAL A 1179 27.57 -7.81 -17.37
N GLY A 1180 28.81 -8.27 -17.48
CA GLY A 1180 29.44 -8.37 -18.80
C GLY A 1180 28.69 -9.28 -19.74
N GLN A 1181 28.18 -10.38 -19.23
CA GLN A 1181 27.38 -11.28 -20.06
C GLN A 1181 26.11 -10.60 -20.55
N ARG A 1182 25.51 -9.76 -19.71
CA ARG A 1182 24.37 -8.96 -20.14
C ARG A 1182 24.75 -7.96 -21.22
N GLN A 1183 25.97 -7.41 -21.18
CA GLN A 1183 26.45 -6.62 -22.29
C GLN A 1183 26.72 -7.47 -23.52
N LEU A 1184 27.24 -8.67 -23.33
CA LEU A 1184 27.40 -9.58 -24.44
C LEU A 1184 26.07 -9.90 -25.10
N VAL A 1185 25.00 -9.96 -24.33
CA VAL A 1185 23.68 -10.10 -24.93
C VAL A 1185 23.36 -8.92 -25.84
N CYS A 1186 23.68 -7.70 -25.41
CA CYS A 1186 23.48 -6.55 -26.28
C CYS A 1186 24.35 -6.63 -27.52
N LEU A 1187 25.59 -7.08 -27.37
CA LEU A 1187 26.42 -7.32 -28.55
C LEU A 1187 25.81 -8.37 -29.45
N ALA A 1188 25.27 -9.45 -28.86
CA ALA A 1188 24.57 -10.43 -29.66
C ALA A 1188 23.38 -9.81 -30.37
N ARG A 1189 22.60 -9.00 -29.66
CA ARG A 1189 21.54 -8.23 -30.29
C ARG A 1189 22.09 -7.46 -31.49
N ALA A 1190 23.20 -6.76 -31.29
CA ALA A 1190 23.80 -5.98 -32.35
C ALA A 1190 24.25 -6.86 -33.51
N ILE A 1191 24.91 -7.96 -33.19
CA ILE A 1191 25.34 -8.91 -34.20
C ILE A 1191 24.15 -9.44 -34.97
N LEU A 1192 23.00 -9.55 -34.32
CA LEU A 1192 21.79 -9.93 -35.04
C LEU A 1192 21.31 -8.81 -35.94
N ARG A 1193 21.21 -7.59 -35.41
CA ARG A 1193 20.68 -6.49 -36.18
C ARG A 1193 21.50 -6.22 -37.44
N LYS A 1194 22.83 -6.26 -37.33
CA LYS A 1194 23.73 -5.94 -38.43
C LYS A 1194 23.37 -4.62 -39.11
N ASN A 1195 22.89 -3.66 -38.33
CA ASN A 1195 22.76 -2.31 -38.83
C ASN A 1195 24.13 -1.73 -39.15
N GLN A 1196 24.16 -0.82 -40.11
CA GLN A 1196 25.40 -0.17 -40.51
C GLN A 1196 25.83 0.93 -39.55
N ILE A 1197 25.11 1.15 -38.45
CA ILE A 1197 25.49 2.13 -37.46
C ILE A 1197 25.39 1.52 -36.07
N LEU A 1198 26.38 1.78 -35.24
CA LEU A 1198 26.45 1.27 -33.87
C LEU A 1198 26.91 2.37 -32.94
N ILE A 1199 26.33 2.40 -31.74
CA ILE A 1199 26.70 3.37 -30.71
C ILE A 1199 27.09 2.61 -29.46
N ILE A 1200 28.29 2.86 -28.95
CA ILE A 1200 28.76 2.27 -27.70
C ILE A 1200 28.74 3.35 -26.62
N ASP A 1201 27.98 3.10 -25.55
CA ASP A 1201 27.83 4.09 -24.49
C ASP A 1201 28.58 3.69 -23.22
N GLU A 1202 29.90 3.78 -23.24
CA GLU A 1202 30.70 3.72 -22.02
C GLU A 1202 30.47 2.43 -21.22
N ALA A 1203 30.02 1.38 -21.90
CA ALA A 1203 29.40 0.25 -21.22
C ALA A 1203 30.42 -0.60 -20.47
N THR A 1204 31.57 -0.85 -21.07
CA THR A 1204 32.48 -1.87 -20.60
C THR A 1204 33.22 -1.49 -19.32
N ALA A 1205 33.00 -0.28 -18.79
CA ALA A 1205 33.50 0.04 -17.45
C ALA A 1205 32.96 -0.89 -16.36
N ASN A 1206 31.84 -1.58 -16.60
CA ASN A 1206 31.35 -2.57 -15.66
C ASN A 1206 32.08 -3.91 -15.73
N VAL A 1207 32.93 -4.12 -16.72
CA VAL A 1207 33.23 -5.47 -17.20
C VAL A 1207 34.72 -5.74 -16.99
N ASP A 1208 35.04 -7.00 -16.74
CA ASP A 1208 36.42 -7.40 -16.70
C ASP A 1208 37.07 -7.13 -18.06
N PRO A 1209 38.24 -6.49 -18.08
CA PRO A 1209 38.87 -6.15 -19.37
C PRO A 1209 39.07 -7.33 -20.30
N ARG A 1210 39.35 -8.50 -19.73
CA ARG A 1210 39.48 -9.72 -20.52
C ARG A 1210 38.21 -10.04 -21.28
N THR A 1211 37.05 -9.67 -20.73
CA THR A 1211 35.83 -9.82 -21.51
C THR A 1211 35.67 -8.64 -22.45
N ASP A 1212 36.06 -7.45 -22.00
CA ASP A 1212 36.13 -6.29 -22.88
C ASP A 1212 37.05 -6.55 -24.05
N GLU A 1213 38.20 -7.19 -23.79
CA GLU A 1213 39.08 -7.62 -24.87
C GLU A 1213 38.33 -8.45 -25.89
N LEU A 1214 37.48 -9.36 -25.43
CA LEU A 1214 36.65 -10.11 -26.34
C LEU A 1214 35.68 -9.20 -27.07
N ILE A 1215 35.11 -8.24 -26.36
CA ILE A 1215 34.24 -7.25 -26.97
C ILE A 1215 35.00 -6.46 -28.04
N GLN A 1216 36.19 -5.96 -27.69
CA GLN A 1216 37.00 -5.23 -28.65
C GLN A 1216 37.29 -6.09 -29.86
N LYS A 1217 37.77 -7.32 -29.64
CA LYS A 1217 38.03 -8.24 -30.73
C LYS A 1217 36.82 -8.40 -31.64
N LYS A 1218 35.70 -8.78 -31.06
CA LYS A 1218 34.53 -9.10 -31.87
C LYS A 1218 33.91 -7.87 -32.52
N ILE A 1219 33.95 -6.72 -31.86
CA ILE A 1219 33.54 -5.49 -32.53
C ILE A 1219 34.35 -5.30 -33.80
N ARG A 1220 35.66 -5.32 -33.69
CA ARG A 1220 36.51 -4.97 -34.81
C ARG A 1220 36.47 -6.03 -35.89
N GLU A 1221 36.27 -7.28 -35.50
CA GLU A 1221 36.03 -8.34 -36.48
C GLU A 1221 34.68 -8.16 -37.15
N LYS A 1222 33.60 -8.13 -36.36
CA LYS A 1222 32.27 -8.21 -36.95
C LYS A 1222 31.81 -6.88 -37.53
N PHE A 1223 32.15 -5.77 -36.89
CA PHE A 1223 31.67 -4.46 -37.31
C PHE A 1223 32.69 -3.74 -38.18
N ALA A 1224 33.52 -4.48 -38.91
CA ALA A 1224 34.49 -3.86 -39.78
C ALA A 1224 33.83 -2.93 -40.80
N HIS A 1225 32.74 -3.37 -41.41
CA HIS A 1225 32.04 -2.51 -42.36
C HIS A 1225 31.15 -1.48 -41.67
N CYS A 1226 30.74 -1.74 -40.44
CA CYS A 1226 29.81 -0.82 -39.78
C CYS A 1226 30.50 0.48 -39.36
N THR A 1227 29.71 1.53 -39.27
CA THR A 1227 30.14 2.79 -38.67
C THR A 1227 29.92 2.71 -37.17
N VAL A 1228 30.92 3.15 -36.41
CA VAL A 1228 30.86 3.00 -34.96
C VAL A 1228 31.18 4.32 -34.27
N LEU A 1229 30.31 4.71 -33.34
CA LEU A 1229 30.56 5.83 -32.45
C LEU A 1229 30.81 5.23 -31.08
N THR A 1230 31.82 5.73 -30.39
CA THR A 1230 32.19 5.12 -29.12
C THR A 1230 32.50 6.19 -28.09
N ILE A 1231 31.54 6.43 -27.19
CA ILE A 1231 31.87 7.13 -25.96
C ILE A 1231 32.50 6.10 -25.03
N ALA A 1232 33.73 6.38 -24.59
CA ALA A 1232 34.41 5.51 -23.65
C ALA A 1232 35.36 6.35 -22.83
N HIS A 1233 35.52 5.98 -21.56
CA HIS A 1233 36.34 6.78 -20.67
C HIS A 1233 37.84 6.57 -20.92
N ARG A 1234 38.28 5.31 -20.98
CA ARG A 1234 39.70 5.03 -21.12
C ARG A 1234 40.11 5.13 -22.59
N LEU A 1235 40.97 6.10 -22.90
CA LEU A 1235 41.30 6.46 -24.27
C LEU A 1235 41.93 5.29 -25.04
N ASN A 1236 42.52 4.33 -24.34
CA ASN A 1236 43.15 3.21 -25.02
C ASN A 1236 42.15 2.41 -25.83
N THR A 1237 40.87 2.43 -25.43
CA THR A 1237 39.84 1.74 -26.17
C THR A 1237 39.58 2.41 -27.51
N ILE A 1238 39.85 3.71 -27.60
CA ILE A 1238 39.50 4.52 -28.76
C ILE A 1238 40.70 5.17 -29.41
N ILE A 1239 41.90 4.95 -28.87
CA ILE A 1239 43.09 5.62 -29.37
C ILE A 1239 43.31 5.32 -30.84
N ASP A 1240 42.79 4.20 -31.33
CA ASP A 1240 42.90 3.84 -32.74
C ASP A 1240 41.66 4.18 -33.56
N SER A 1241 40.76 5.00 -33.04
CA SER A 1241 39.69 5.53 -33.87
C SER A 1241 40.25 6.36 -35.01
N ASP A 1242 39.53 6.36 -36.14
CA ASP A 1242 39.93 7.21 -37.26
C ASP A 1242 39.88 8.69 -36.90
N LYS A 1243 38.89 9.09 -36.11
CA LYS A 1243 38.83 10.43 -35.54
C LYS A 1243 38.31 10.33 -34.12
N ILE A 1244 38.55 11.39 -33.33
CA ILE A 1244 37.85 11.58 -32.08
C ILE A 1244 37.19 12.95 -32.04
N MET A 1245 35.96 12.99 -31.52
CA MET A 1245 35.37 14.24 -31.07
C MET A 1245 35.54 14.32 -29.57
N VAL A 1246 35.95 15.48 -29.08
CA VAL A 1246 35.94 15.76 -27.65
C VAL A 1246 34.91 16.85 -27.38
N LEU A 1247 33.97 16.55 -26.49
CA LEU A 1247 32.92 17.48 -26.11
C LEU A 1247 33.14 17.96 -24.70
N ASP A 1248 32.97 19.26 -24.49
CA ASP A 1248 32.91 19.79 -23.14
C ASP A 1248 32.04 21.03 -23.15
N SER A 1249 31.35 21.25 -22.03
CA SER A 1249 30.38 22.33 -21.89
C SER A 1249 29.40 22.37 -23.06
N GLY A 1250 29.15 21.21 -23.68
CA GLY A 1250 28.29 21.19 -24.83
C GLY A 1250 28.92 21.67 -26.12
N ARG A 1251 30.24 21.83 -26.16
CA ARG A 1251 30.90 22.32 -27.36
C ARG A 1251 31.93 21.31 -27.85
N LEU A 1252 32.13 21.31 -29.16
CA LEU A 1252 33.13 20.47 -29.83
C LEU A 1252 34.50 21.08 -29.58
N LYS A 1253 35.17 20.58 -28.55
CA LYS A 1253 36.50 21.11 -28.24
C LYS A 1253 37.53 20.66 -29.27
N GLU A 1254 37.41 19.43 -29.76
CA GLU A 1254 38.34 18.87 -30.73
C GLU A 1254 37.58 17.96 -31.68
N TYR A 1255 38.02 17.94 -32.94
CA TYR A 1255 37.61 16.87 -33.84
C TYR A 1255 38.67 16.69 -34.92
N ASP A 1256 39.44 15.61 -34.82
CA ASP A 1256 40.39 15.24 -35.85
C ASP A 1256 40.87 13.82 -35.59
N GLU A 1257 41.71 13.33 -36.49
CA GLU A 1257 42.50 12.14 -36.23
C GLU A 1257 43.23 12.26 -34.89
N PRO A 1258 43.12 11.25 -34.02
CA PRO A 1258 43.58 11.43 -32.62
C PRO A 1258 45.05 11.79 -32.51
N TYR A 1259 45.91 11.27 -33.38
CA TYR A 1259 47.31 11.69 -33.35
C TYR A 1259 47.45 13.15 -33.70
N VAL A 1260 46.69 13.62 -34.70
CA VAL A 1260 46.75 15.04 -35.05
C VAL A 1260 46.31 15.89 -33.87
N LEU A 1261 45.32 15.41 -33.12
CA LEU A 1261 44.97 16.07 -31.87
C LEU A 1261 46.15 16.05 -30.90
N LEU A 1262 46.83 14.90 -30.79
CA LEU A 1262 48.03 14.85 -29.97
C LEU A 1262 49.16 15.67 -30.58
N GLN A 1263 49.18 15.76 -31.92
CA GLN A 1263 50.24 16.52 -32.58
C GLN A 1263 50.16 18.00 -32.26
N ASN A 1264 48.96 18.51 -32.02
CA ASN A 1264 48.78 19.81 -31.38
C ASN A 1264 48.95 19.65 -29.87
N LYS A 1265 50.14 20.00 -29.37
CA LYS A 1265 50.39 19.90 -27.93
C LYS A 1265 49.50 20.83 -27.12
N GLU A 1266 48.86 21.80 -27.76
CA GLU A 1266 47.89 22.62 -27.04
C GLU A 1266 46.55 21.92 -26.87
N SER A 1267 46.29 20.86 -27.63
CA SER A 1267 44.95 20.31 -27.69
C SER A 1267 44.56 19.73 -26.33
N LEU A 1268 43.26 19.78 -26.04
CA LEU A 1268 42.75 19.12 -24.85
C LEU A 1268 42.99 17.62 -24.92
N PHE A 1269 42.95 17.04 -26.12
CA PHE A 1269 43.26 15.62 -26.26
C PHE A 1269 44.70 15.30 -25.90
N TYR A 1270 45.63 16.14 -26.34
CA TYR A 1270 47.00 15.97 -25.86
C TYR A 1270 47.07 16.18 -24.36
N LYS A 1271 46.48 17.27 -23.88
CA LYS A 1271 46.41 17.55 -22.45
C LYS A 1271 45.74 16.41 -21.68
N MET A 1272 44.64 15.88 -22.19
CA MET A 1272 44.01 14.71 -21.56
C MET A 1272 44.96 13.51 -21.56
N VAL A 1273 45.67 13.28 -22.65
CA VAL A 1273 46.66 12.22 -22.67
C VAL A 1273 47.80 12.55 -21.72
N GLN A 1274 48.17 13.83 -21.62
CA GLN A 1274 49.16 14.20 -20.61
C GLN A 1274 48.58 14.11 -19.20
N GLN A 1275 47.29 14.37 -19.05
CA GLN A 1275 46.64 14.14 -17.76
C GLN A 1275 46.57 12.67 -17.40
N LEU A 1276 46.91 11.77 -18.31
CA LEU A 1276 47.20 10.40 -17.91
C LEU A 1276 48.36 10.33 -16.95
N GLY A 1277 49.25 11.31 -16.97
CA GLY A 1277 50.26 11.40 -15.93
C GLY A 1277 51.26 10.27 -15.94
N LYS A 1278 51.43 9.59 -17.07
CA LYS A 1278 52.20 8.35 -17.10
C LYS A 1278 52.85 8.18 -18.46
N ALA A 1279 53.91 7.36 -18.48
CA ALA A 1279 54.66 7.07 -19.70
C ALA A 1279 53.84 6.35 -20.75
N GLU A 1280 52.65 5.85 -20.39
CA GLU A 1280 51.76 5.27 -21.37
C GLU A 1280 51.34 6.26 -22.44
N ALA A 1281 51.39 7.56 -22.14
CA ALA A 1281 51.12 8.59 -23.15
C ALA A 1281 51.99 8.40 -24.38
N ALA A 1282 53.23 7.96 -24.19
CA ALA A 1282 54.09 7.65 -25.33
C ALA A 1282 53.56 6.45 -26.11
N ALA A 1283 53.15 5.39 -25.41
CA ALA A 1283 52.58 4.25 -26.11
C ALA A 1283 51.30 4.63 -26.83
N LEU A 1284 50.48 5.47 -26.20
CA LEU A 1284 49.32 6.03 -26.88
C LEU A 1284 49.75 6.83 -28.11
N THR A 1285 50.71 7.74 -27.94
CA THR A 1285 51.20 8.55 -29.05
C THR A 1285 51.72 7.70 -30.20
N GLU A 1286 52.56 6.71 -29.90
CA GLU A 1286 53.05 5.81 -30.93
C GLU A 1286 51.93 5.05 -31.62
N THR A 1287 51.00 4.50 -30.83
CA THR A 1287 49.89 3.77 -31.40
C THR A 1287 49.04 4.65 -32.32
N ALA A 1288 48.82 5.90 -31.94
CA ALA A 1288 48.13 6.84 -32.81
C ALA A 1288 48.90 7.10 -34.09
N LYS A 1289 50.21 7.35 -33.97
CA LYS A 1289 51.01 7.64 -35.16
C LYS A 1289 50.99 6.46 -36.13
N GLN A 1290 51.02 5.24 -35.60
CA GLN A 1290 50.94 4.04 -36.41
C GLN A 1290 49.72 4.01 -37.31
N VAL A 1291 48.66 4.73 -36.93
CA VAL A 1291 47.46 4.78 -37.78
C VAL A 1291 47.77 5.43 -39.13
N TYR A 1292 48.80 6.27 -39.20
CA TYR A 1292 49.25 6.77 -40.50
C TYR A 1292 49.74 5.64 -41.39
N PHE A 1293 50.31 4.60 -40.80
CA PHE A 1293 51.21 3.71 -41.52
C PHE A 1293 50.76 2.27 -41.54
N LYS A 1294 50.14 1.78 -40.47
CA LYS A 1294 49.63 0.42 -40.44
C LYS A 1294 48.38 0.26 -41.30
C25 TTC B . -21.00 -2.96 7.11
C31 TTC B . -20.94 -4.35 6.43
C21 TTC B . -22.10 -2.69 8.22
O24 TTC B . -22.09 -3.84 9.00
C16 TTC B . -23.50 -2.42 7.69
C20 TTC B . -21.62 -1.55 9.21
C15 TTC B . -24.37 -1.80 8.53
C17 TTC B . -23.88 -2.82 6.35
O23 TTC B . -20.49 -1.21 9.48
O22 TTC B . -22.58 -0.88 9.92
C14 TTC B . -25.76 -1.52 8.01
C19 TTC B . -23.92 -1.40 9.92
C13 TTC B . -25.16 -2.59 5.83
O18 TTC B . -26.60 -0.98 8.69
N12 TTC B . -26.07 -1.96 6.63
C9 TTC B . -25.77 -2.90 4.47
C11 TTC B . -27.39 -1.82 5.86
C8 TTC B . -27.13 -2.42 4.46
N10 TTC B . -25.26 -3.44 3.37
C7 TTC B . -27.85 -2.59 3.30
C5 TTC B . -26.00 -3.61 2.19
C6 TTC B . -27.35 -3.19 2.08
C4 TTC B . -25.40 -4.23 1.01
C1 TTC B . -28.08 -3.39 0.83
C3 TTC B . -26.07 -4.43 -0.15
C2 TTC B . -27.45 -4.00 -0.26
C27 TTC B . -29.54 -2.94 0.70
N28 TTC B . -30.36 -3.63 1.75
C29 TTC B . -30.45 -5.08 1.42
C30 TTC B . -31.77 -3.10 1.85
O26 TTC B . -28.04 -4.23 -1.47
#